data_5IWQ
#
_entry.id   5IWQ
#
_cell.length_a   103.388
_cell.length_b   53.521
_cell.length_c   170.224
_cell.angle_alpha   90.000
_cell.angle_beta   104.230
_cell.angle_gamma   90.000
#
_symmetry.space_group_name_H-M   'C 1 2 1'
#
loop_
_entity.id
_entity.type
_entity.pdbx_description
1 polymer 'ASPARTATE AMINOTRANSFERASE'
2 non-polymer "PYRIDOXAL-5'-PHOSPHATE"
3 non-polymer GLYCEROL
4 non-polymer 'CITRATE ANION'
5 water water
#
_entity_poly.entity_id   1
_entity_poly.type   'polypeptide(L)'
_entity_poly.pdbx_seq_one_letter_code
;MSSVSLQDFDAERIGLFHEDIKRKFDELKSKNLKLDLTRGKPSSEQLDFADELLALPGKGDFKAADGTDVRNYGGLDGIV
DIRQIWADLLGVPVEQVLAGDASSLNIMFDVISWSYIFGNNDSVQPWSKEETVKWICPVPGYDRHFSITERFGFEMISVP
MNEDGPDMDAVEELVKNPQVKGMWVVPVFSNPTGFTVTEDVAKRLSAMETAAPDFRVVWDNAYAVHTLTDEFPEVIDIVG
LGEAAGNPNRFWAFTSTSKITLAGAGVSFFLTSAENRKWYTGHAGIRGIGPNKVNQLAHARYFGDAEGVRAVMRKHAASL
APKFNKVLEILDSRLAEYGVAQWTVPAGGYFISLDVVPGTASRVAELAKEAGIALTGAGSSYPLRQDPENKNLRLAPSLP
PVEELEVAMDGVATCVLLAAAEHYANLEHHHHHH
;
_entity_poly.pdbx_strand_id   A,B
#
loop_
_chem_comp.id
_chem_comp.type
_chem_comp.name
_chem_comp.formula
FLC non-polymer 'CITRATE ANION' 'C6 H5 O7 -3'
GOL non-polymer GLYCEROL 'C3 H8 O3'
PLP non-polymer PYRIDOXAL-5'-PHOSPHATE 'C8 H10 N O6 P'
#
# COMPACT_ATOMS: atom_id res chain seq x y z
N VAL A 4 -30.14 45.95 8.12
CA VAL A 4 -30.88 44.87 8.86
C VAL A 4 -30.61 43.45 8.34
N SER A 5 -30.07 42.57 9.19
CA SER A 5 -29.87 41.15 8.81
C SER A 5 -31.23 40.41 8.90
N LEU A 6 -31.38 39.31 8.15
CA LEU A 6 -32.59 38.51 8.20
C LEU A 6 -33.02 38.19 9.60
N GLN A 7 -32.08 37.84 10.48
CA GLN A 7 -32.44 37.43 11.83
C GLN A 7 -33.18 38.51 12.64
N ASP A 8 -32.94 39.77 12.31
CA ASP A 8 -33.59 40.95 12.92
C ASP A 8 -34.88 41.43 12.15
N PHE A 9 -35.26 40.77 11.05
CA PHE A 9 -36.51 41.05 10.38
C PHE A 9 -37.68 40.77 11.37
N ASP A 10 -38.70 41.64 11.35
CA ASP A 10 -39.90 41.40 12.15
C ASP A 10 -40.72 40.30 11.52
N ALA A 11 -41.74 39.83 12.24
CA ALA A 11 -42.48 38.65 11.87
C ALA A 11 -43.08 38.81 10.48
N GLU A 12 -43.60 40.00 10.18
CA GLU A 12 -44.19 40.16 8.90
C GLU A 12 -43.14 40.31 7.84
N ARG A 13 -42.08 41.06 8.12
CA ARG A 13 -41.06 41.27 7.11
C ARG A 13 -40.40 39.90 6.70
N ILE A 14 -40.21 38.99 7.65
CA ILE A 14 -39.53 37.71 7.28
C ILE A 14 -40.48 36.81 6.51
N GLY A 15 -41.78 36.87 6.83
CA GLY A 15 -42.84 36.18 6.06
C GLY A 15 -42.84 36.60 4.62
N LEU A 16 -42.78 37.91 4.39
CA LEU A 16 -42.75 38.46 3.05
C LEU A 16 -41.44 38.11 2.38
N PHE A 17 -40.33 38.22 3.11
CA PHE A 17 -39.05 37.80 2.55
C PHE A 17 -39.15 36.31 2.11
N HIS A 18 -39.78 35.48 2.91
CA HIS A 18 -39.95 34.08 2.55
C HIS A 18 -40.70 33.90 1.23
N GLU A 19 -41.82 34.63 1.03
CA GLU A 19 -42.52 34.60 -0.23
C GLU A 19 -41.68 35.12 -1.36
N ASP A 20 -40.93 36.19 -1.15
CA ASP A 20 -40.01 36.75 -2.15
C ASP A 20 -39.01 35.73 -2.66
N ILE A 21 -38.21 35.19 -1.74
CA ILE A 21 -37.12 34.24 -2.11
C ILE A 21 -37.67 32.93 -2.64
N LYS A 22 -38.84 32.46 -2.20
CA LYS A 22 -39.40 31.24 -2.75
C LYS A 22 -39.64 31.36 -4.29
N ARG A 23 -39.97 32.56 -4.78
CA ARG A 23 -40.20 32.82 -6.21
C ARG A 23 -38.86 32.55 -6.92
N LYS A 24 -37.75 32.99 -6.31
CA LYS A 24 -36.43 32.77 -6.91
C LYS A 24 -36.07 31.27 -6.94
N PHE A 25 -36.36 30.59 -5.87
CA PHE A 25 -36.18 29.14 -5.79
C PHE A 25 -36.99 28.40 -6.87
N ASP A 26 -38.25 28.79 -7.04
CA ASP A 26 -39.05 28.26 -8.14
C ASP A 26 -38.36 28.46 -9.49
N GLU A 27 -37.86 29.66 -9.78
CA GLU A 27 -37.13 29.95 -11.03
C GLU A 27 -35.87 29.04 -11.17
N LEU A 28 -35.17 28.83 -10.06
CA LEU A 28 -33.99 27.98 -10.04
C LEU A 28 -34.39 26.51 -10.42
N LYS A 29 -35.41 25.96 -9.80
CA LYS A 29 -35.86 24.65 -10.19
C LYS A 29 -36.28 24.51 -11.68
N SER A 30 -36.84 25.58 -12.24
CA SER A 30 -37.33 25.54 -13.62
C SER A 30 -36.12 25.49 -14.58
N LYS A 31 -34.89 25.79 -14.11
CA LYS A 31 -33.72 25.57 -14.94
C LYS A 31 -33.36 24.09 -15.21
N ASN A 32 -33.90 23.15 -14.45
CA ASN A 32 -33.52 21.72 -14.57
C ASN A 32 -31.98 21.49 -14.59
N LEU A 33 -31.30 21.94 -13.54
CA LEU A 33 -29.84 21.84 -13.48
C LEU A 33 -29.40 20.44 -13.12
N LYS A 34 -28.18 20.13 -13.52
CA LYS A 34 -27.48 18.90 -13.07
C LYS A 34 -25.99 19.24 -12.82
N LEU A 35 -25.72 19.69 -11.60
CA LEU A 35 -24.45 20.31 -11.27
C LEU A 35 -23.97 19.78 -9.93
N ASP A 36 -22.67 19.81 -9.74
CA ASP A 36 -22.04 19.08 -8.65
C ASP A 36 -20.85 19.90 -8.11
N LEU A 37 -20.95 20.26 -6.84
CA LEU A 37 -19.93 21.06 -6.15
C LEU A 37 -19.23 20.24 -5.07
N THR A 38 -19.25 18.93 -5.22
CA THR A 38 -18.78 18.01 -4.14
C THR A 38 -17.34 17.43 -4.32
N ARG A 39 -16.83 17.49 -5.54
CA ARG A 39 -15.63 16.75 -5.94
C ARG A 39 -14.33 17.54 -5.72
N GLY A 40 -13.58 17.20 -4.66
CA GLY A 40 -12.35 17.88 -4.33
C GLY A 40 -11.18 17.34 -5.12
N LYS A 41 -11.32 17.34 -6.44
CA LYS A 41 -10.33 16.73 -7.33
C LYS A 41 -9.93 17.64 -8.46
N PRO A 42 -8.72 17.43 -9.01
CA PRO A 42 -8.29 18.25 -10.12
C PRO A 42 -9.16 18.05 -11.37
N SER A 43 -9.26 19.11 -12.15
CA SER A 43 -9.98 19.10 -13.43
C SER A 43 -9.13 18.38 -14.47
N SER A 44 -9.73 17.99 -15.59
CA SER A 44 -8.98 17.39 -16.71
C SER A 44 -7.91 18.36 -17.20
N GLU A 45 -8.18 19.69 -17.26
CA GLU A 45 -7.17 20.71 -17.66
C GLU A 45 -5.87 20.60 -16.82
N GLN A 46 -6.05 20.45 -15.50
CA GLN A 46 -4.94 20.34 -14.57
C GLN A 46 -4.18 19.01 -14.74
N LEU A 47 -4.92 17.92 -14.94
CA LEU A 47 -4.30 16.62 -15.19
C LEU A 47 -3.51 16.62 -16.53
N ASP A 48 -3.96 17.40 -17.54
CA ASP A 48 -3.20 17.56 -18.80
C ASP A 48 -1.80 18.15 -18.60
N PHE A 49 -1.54 18.93 -17.51
CA PHE A 49 -0.23 19.48 -17.32
C PHE A 49 0.84 18.41 -17.24
N ALA A 50 0.50 17.25 -16.68
CA ALA A 50 1.48 16.13 -16.43
C ALA A 50 1.43 15.06 -17.54
N ASP A 51 0.89 15.42 -18.69
CA ASP A 51 0.84 14.51 -19.82
C ASP A 51 2.17 13.80 -20.10
N GLU A 52 3.26 14.52 -20.08
CA GLU A 52 4.64 13.96 -20.27
C GLU A 52 4.98 12.82 -19.29
N LEU A 53 4.47 12.90 -18.05
CA LEU A 53 4.72 11.91 -17.01
C LEU A 53 4.15 10.52 -17.37
N LEU A 54 3.13 10.50 -18.24
CA LEU A 54 2.63 9.25 -18.82
C LEU A 54 3.63 8.46 -19.69
N ALA A 55 4.73 9.13 -20.08
CA ALA A 55 5.81 8.55 -20.89
C ALA A 55 7.13 8.50 -20.15
N LEU A 56 7.14 8.81 -18.85
CA LEU A 56 8.37 8.78 -18.08
C LEU A 56 8.46 7.54 -17.17
N PRO A 57 9.65 7.10 -16.80
CA PRO A 57 10.89 7.75 -17.06
C PRO A 57 11.39 7.52 -18.48
N GLY A 58 10.75 6.67 -19.23
CA GLY A 58 11.20 6.46 -20.64
C GLY A 58 12.15 5.32 -20.85
N LYS A 59 12.08 4.77 -22.07
CA LYS A 59 12.93 3.67 -22.47
C LYS A 59 14.36 3.95 -22.14
N GLY A 60 15.04 2.97 -21.58
CA GLY A 60 16.45 3.12 -21.26
C GLY A 60 16.85 3.97 -20.06
N ASP A 61 15.89 4.50 -19.30
CA ASP A 61 16.24 5.40 -18.22
C ASP A 61 15.63 4.83 -16.92
N PHE A 62 16.45 4.08 -16.20
CA PHE A 62 15.96 3.29 -15.06
C PHE A 62 16.96 3.31 -13.85
N LYS A 63 17.92 4.25 -13.85
CA LYS A 63 18.88 4.34 -12.73
C LYS A 63 18.63 5.57 -11.85
N ALA A 64 18.46 5.35 -10.55
CA ALA A 64 18.41 6.45 -9.59
C ALA A 64 19.80 7.08 -9.45
N ALA A 65 19.84 8.22 -8.75
CA ALA A 65 21.11 9.02 -8.65
C ALA A 65 22.24 8.29 -7.94
N ASP A 66 21.88 7.36 -7.08
CA ASP A 66 22.84 6.49 -6.43
C ASP A 66 23.14 5.19 -7.17
N GLY A 67 22.74 5.04 -8.43
CA GLY A 67 22.95 3.80 -9.16
C GLY A 67 21.89 2.68 -9.01
N THR A 68 20.87 2.86 -8.16
CA THR A 68 19.84 1.83 -7.94
C THR A 68 19.08 1.58 -9.25
N ASP A 69 18.92 0.29 -9.61
CA ASP A 69 18.15 -0.06 -10.77
C ASP A 69 16.72 -0.02 -10.24
N VAL A 70 15.95 0.98 -10.65
CA VAL A 70 14.55 1.14 -10.14
C VAL A 70 13.57 0.03 -10.58
N ARG A 71 14.00 -0.73 -11.56
CA ARG A 71 13.21 -1.81 -12.12
C ARG A 71 13.13 -3.11 -11.28
N ASN A 72 14.01 -3.23 -10.29
CA ASN A 72 14.21 -4.45 -9.55
C ASN A 72 13.81 -4.28 -8.10
N TYR A 73 13.75 -5.38 -7.37
CA TYR A 73 13.24 -5.35 -6.00
C TYR A 73 14.16 -4.62 -5.09
N GLY A 74 13.57 -4.03 -4.07
CA GLY A 74 14.28 -3.72 -2.87
C GLY A 74 14.35 -2.23 -2.59
N GLY A 75 14.52 -1.93 -1.32
CA GLY A 75 14.62 -0.59 -0.76
C GLY A 75 13.26 -0.13 -0.23
N LEU A 76 13.19 0.07 1.07
CA LEU A 76 11.92 0.41 1.71
C LEU A 76 11.71 1.91 1.81
N ASP A 77 12.73 2.71 1.53
CA ASP A 77 12.67 4.17 1.82
C ASP A 77 12.21 5.09 0.70
N GLY A 78 12.14 4.55 -0.51
CA GLY A 78 11.97 5.32 -1.74
C GLY A 78 13.32 5.74 -2.30
N ILE A 79 13.38 6.26 -3.54
CA ILE A 79 14.67 6.50 -4.18
C ILE A 79 15.18 7.87 -3.77
N VAL A 80 16.50 8.02 -3.74
CA VAL A 80 17.08 9.31 -3.36
C VAL A 80 16.61 10.49 -4.19
N ASP A 81 16.40 10.30 -5.48
CA ASP A 81 16.13 11.39 -6.45
C ASP A 81 14.87 12.19 -6.00
N ILE A 82 13.81 11.46 -5.73
CA ILE A 82 12.52 12.08 -5.35
C ILE A 82 12.54 12.61 -3.91
N ARG A 83 13.23 11.85 -3.03
CA ARG A 83 13.40 12.24 -1.62
C ARG A 83 14.17 13.57 -1.49
N GLN A 84 15.24 13.74 -2.29
CA GLN A 84 16.01 14.97 -2.28
C GLN A 84 15.19 16.16 -2.82
N ILE A 85 14.44 15.94 -3.89
CA ILE A 85 13.59 17.00 -4.43
C ILE A 85 12.64 17.51 -3.35
N TRP A 86 11.94 16.59 -2.67
CA TRP A 86 11.00 16.96 -1.66
C TRP A 86 11.66 17.60 -0.43
N ALA A 87 12.86 17.13 -0.07
CA ALA A 87 13.61 17.73 1.01
C ALA A 87 13.95 19.19 0.66
N ASP A 88 14.41 19.42 -0.57
CA ASP A 88 14.77 20.75 -1.06
C ASP A 88 13.52 21.64 -1.09
N LEU A 89 12.42 21.09 -1.59
CA LEU A 89 11.16 21.84 -1.67
C LEU A 89 10.68 22.25 -0.29
N LEU A 90 10.71 21.30 0.62
CA LEU A 90 10.18 21.58 1.95
C LEU A 90 11.22 22.24 2.87
N GLY A 91 12.49 22.36 2.47
CA GLY A 91 13.52 22.87 3.37
C GLY A 91 13.81 22.05 4.61
N VAL A 92 13.77 20.72 4.47
CA VAL A 92 14.13 19.79 5.55
C VAL A 92 15.33 18.91 5.14
N PRO A 93 16.11 18.42 6.11
CA PRO A 93 17.13 17.38 5.80
C PRO A 93 16.51 16.16 5.05
N VAL A 94 17.19 15.68 4.01
CA VAL A 94 16.72 14.52 3.22
C VAL A 94 16.48 13.28 4.06
N GLU A 95 17.25 13.10 5.13
CA GLU A 95 17.10 11.94 6.02
C GLU A 95 15.71 11.84 6.65
N GLN A 96 14.99 12.95 6.78
CA GLN A 96 13.66 12.99 7.33
C GLN A 96 12.62 12.30 6.40
N VAL A 97 12.93 12.24 5.08
CA VAL A 97 11.93 11.98 4.05
C VAL A 97 11.96 10.50 3.66
N LEU A 98 10.79 9.88 3.70
CA LEU A 98 10.52 8.58 3.09
C LEU A 98 9.51 8.84 1.95
N ALA A 99 9.68 8.19 0.80
CA ALA A 99 8.81 8.31 -0.36
C ALA A 99 8.17 6.93 -0.56
N GLY A 100 6.85 6.91 -0.61
CA GLY A 100 6.09 5.66 -0.74
C GLY A 100 5.40 5.47 -2.08
N ASP A 101 4.23 4.87 -2.06
CA ASP A 101 3.34 4.66 -3.24
C ASP A 101 2.49 5.88 -3.42
N ALA A 102 1.32 5.76 -4.02
CA ALA A 102 0.59 6.93 -4.44
C ALA A 102 -0.39 7.47 -3.40
N SER A 103 -0.43 6.92 -2.18
CA SER A 103 -1.37 7.44 -1.23
C SER A 103 -0.78 7.72 0.14
N SER A 104 -0.81 8.98 0.56
CA SER A 104 -0.40 9.29 1.92
C SER A 104 -1.47 8.83 2.96
N LEU A 105 -2.76 8.76 2.55
CA LEU A 105 -3.76 8.19 3.43
C LEU A 105 -3.45 6.73 3.80
N ASN A 106 -2.95 5.94 2.82
CA ASN A 106 -2.56 4.55 3.04
C ASN A 106 -1.51 4.50 4.22
N ILE A 107 -0.56 5.42 4.20
CA ILE A 107 0.54 5.43 5.21
C ILE A 107 -0.04 5.86 6.58
N MET A 108 -0.92 6.85 6.56
CA MET A 108 -1.61 7.28 7.80
C MET A 108 -2.42 6.18 8.48
N PHE A 109 -3.16 5.45 7.67
CA PHE A 109 -3.90 4.33 8.11
C PHE A 109 -2.91 3.27 8.68
N ASP A 110 -1.84 2.99 7.94
CA ASP A 110 -0.90 1.96 8.39
C ASP A 110 -0.28 2.29 9.74
N VAL A 111 0.20 3.51 9.93
CA VAL A 111 0.86 3.86 11.20
C VAL A 111 -0.09 3.78 12.39
N ILE A 112 -1.34 4.18 12.16
CA ILE A 112 -2.40 3.99 13.16
C ILE A 112 -2.72 2.51 13.43
N SER A 113 -2.92 1.71 12.37
CA SER A 113 -3.24 0.34 12.56
C SER A 113 -2.08 -0.43 13.26
N TRP A 114 -0.85 -0.08 12.97
CA TRP A 114 0.34 -0.73 13.59
C TRP A 114 0.45 -0.28 15.06
N SER A 115 0.17 0.98 15.36
CA SER A 115 0.10 1.41 16.75
C SER A 115 -1.01 0.64 17.51
N TYR A 116 -2.13 0.36 16.86
CA TYR A 116 -3.18 -0.41 17.43
C TYR A 116 -2.76 -1.86 17.65
N ILE A 117 -2.13 -2.48 16.65
CA ILE A 117 -1.74 -3.92 16.74
C ILE A 117 -0.51 -4.19 17.60
N PHE A 118 0.51 -3.37 17.38
CA PHE A 118 1.87 -3.62 17.90
C PHE A 118 2.35 -2.64 18.93
N GLY A 119 1.67 -1.49 19.04
CA GLY A 119 2.23 -0.30 19.59
C GLY A 119 3.18 0.44 18.67
N ASN A 120 3.35 1.72 18.90
CA ASN A 120 4.46 2.44 18.24
C ASN A 120 5.74 2.31 19.11
N ASN A 121 6.83 2.86 18.60
CA ASN A 121 8.14 2.73 19.24
C ASN A 121 8.17 3.35 20.63
N ASP A 122 7.17 4.19 20.98
CA ASP A 122 7.07 4.75 22.37
C ASP A 122 5.99 4.15 23.24
N SER A 123 5.32 3.10 22.76
CA SER A 123 4.21 2.54 23.45
C SER A 123 4.65 1.59 24.57
N VAL A 124 3.96 1.67 25.74
CA VAL A 124 4.10 0.71 26.79
C VAL A 124 3.41 -0.56 26.33
N GLN A 125 2.22 -0.45 25.71
CA GLN A 125 1.51 -1.60 25.16
C GLN A 125 0.71 -1.16 23.90
N PRO A 126 0.23 -2.12 23.11
CA PRO A 126 -0.50 -1.72 21.88
C PRO A 126 -1.80 -1.03 22.18
N TRP A 127 -2.22 -0.12 21.30
CA TRP A 127 -3.50 0.61 21.53
C TRP A 127 -4.72 -0.31 21.64
N SER A 128 -4.65 -1.48 21.05
CA SER A 128 -5.74 -2.43 21.16
C SER A 128 -6.00 -2.90 22.64
N LYS A 129 -5.01 -2.76 23.50
CA LYS A 129 -5.19 -3.12 24.95
C LYS A 129 -5.89 -2.04 25.79
N GLU A 130 -6.10 -0.85 25.22
CA GLU A 130 -6.72 0.19 25.94
C GLU A 130 -8.25 0.02 25.95
N GLU A 131 -8.88 0.26 27.09
CA GLU A 131 -10.33 0.25 27.09
C GLU A 131 -10.89 1.37 26.20
N THR A 132 -10.22 2.53 26.17
CA THR A 132 -10.68 3.73 25.44
C THR A 132 -9.50 4.44 24.82
N VAL A 133 -9.60 4.69 23.51
CA VAL A 133 -8.66 5.54 22.81
C VAL A 133 -9.37 6.80 22.34
N LYS A 134 -8.85 7.93 22.71
CA LYS A 134 -9.37 9.17 22.20
C LYS A 134 -8.43 9.85 21.23
N TRP A 135 -9.02 10.71 20.41
CA TRP A 135 -8.35 11.24 19.27
C TRP A 135 -8.87 12.64 18.99
N ILE A 136 -7.96 13.62 18.98
CA ILE A 136 -8.29 15.02 18.80
C ILE A 136 -8.53 15.39 17.33
N CYS A 137 -9.68 16.03 17.09
CA CYS A 137 -10.15 16.29 15.72
C CYS A 137 -10.50 17.77 15.52
N PRO A 138 -9.59 18.55 14.96
CA PRO A 138 -9.93 19.97 14.64
C PRO A 138 -11.00 20.00 13.57
N VAL A 139 -11.99 20.88 13.77
CA VAL A 139 -13.18 20.89 12.91
C VAL A 139 -13.45 22.33 12.50
N PRO A 140 -14.04 22.52 11.32
CA PRO A 140 -14.24 21.46 10.31
C PRO A 140 -12.87 20.94 9.75
N GLY A 141 -12.88 19.69 9.33
CA GLY A 141 -11.69 18.88 9.01
C GLY A 141 -12.04 17.95 7.88
N TYR A 142 -11.18 16.93 7.67
CA TYR A 142 -11.23 16.12 6.47
C TYR A 142 -11.94 14.82 6.79
N ASP A 143 -13.04 14.53 6.13
CA ASP A 143 -13.81 13.30 6.35
C ASP A 143 -13.02 12.00 6.28
N ARG A 144 -12.03 11.89 5.36
CA ARG A 144 -11.24 10.65 5.24
C ARG A 144 -10.31 10.40 6.46
N HIS A 145 -9.82 11.47 7.09
CA HIS A 145 -9.12 11.34 8.39
C HIS A 145 -10.07 10.79 9.41
N PHE A 146 -11.24 11.44 9.56
CA PHE A 146 -12.15 11.02 10.65
C PHE A 146 -12.71 9.62 10.45
N SER A 147 -12.84 9.20 9.17
CA SER A 147 -13.25 7.84 8.90
C SER A 147 -12.29 6.77 9.37
N ILE A 148 -10.98 7.04 9.36
CA ILE A 148 -9.99 6.06 9.79
C ILE A 148 -10.16 5.82 11.34
N THR A 149 -10.15 6.92 12.08
CA THR A 149 -10.36 6.89 13.54
C THR A 149 -11.72 6.34 13.99
N GLU A 150 -12.78 6.61 13.25
CA GLU A 150 -14.09 5.98 13.44
C GLU A 150 -14.03 4.47 13.17
N ARG A 151 -13.44 4.02 12.06
CA ARG A 151 -13.33 2.59 11.80
C ARG A 151 -12.51 1.86 12.90
N PHE A 152 -11.50 2.50 13.46
CA PHE A 152 -10.73 1.88 14.62
C PHE A 152 -11.47 1.93 16.00
N GLY A 153 -12.64 2.58 16.03
CA GLY A 153 -13.38 2.79 17.28
C GLY A 153 -12.81 3.82 18.24
N PHE A 154 -12.03 4.78 17.77
CA PHE A 154 -11.48 5.77 18.69
C PHE A 154 -12.55 6.83 18.98
N GLU A 155 -12.62 7.36 20.20
CA GLU A 155 -13.56 8.43 20.51
C GLU A 155 -12.94 9.69 20.06
N MET A 156 -13.62 10.31 19.10
CA MET A 156 -13.11 11.49 18.45
C MET A 156 -13.61 12.69 19.22
N ILE A 157 -12.72 13.54 19.65
CA ILE A 157 -13.10 14.76 20.38
C ILE A 157 -12.76 15.97 19.57
N SER A 158 -13.78 16.77 19.25
N SER A 158 -13.77 16.78 19.26
CA SER A 158 -13.58 17.90 18.37
CA SER A 158 -13.55 17.92 18.41
C SER A 158 -13.02 19.14 19.07
C SER A 158 -12.95 19.12 19.12
N VAL A 159 -12.20 19.90 18.36
CA VAL A 159 -11.77 21.24 18.78
C VAL A 159 -11.91 22.14 17.57
N PRO A 160 -12.02 23.48 17.78
CA PRO A 160 -12.19 24.40 16.69
C PRO A 160 -10.92 24.53 15.90
N MET A 161 -11.02 24.50 14.56
CA MET A 161 -9.91 24.82 13.71
C MET A 161 -10.00 26.36 13.51
N ASN A 162 -9.10 27.14 14.12
CA ASN A 162 -9.05 28.61 14.01
C ASN A 162 -8.13 29.10 12.88
N GLU A 163 -8.08 30.42 12.64
CA GLU A 163 -7.36 30.97 11.53
C GLU A 163 -5.89 30.63 11.60
N ASP A 164 -5.39 30.46 12.81
CA ASP A 164 -3.96 30.21 13.00
C ASP A 164 -3.68 28.77 13.34
N GLY A 165 -4.70 27.93 13.28
CA GLY A 165 -4.54 26.51 13.57
C GLY A 165 -5.53 26.08 14.63
N PRO A 166 -5.40 24.84 15.12
CA PRO A 166 -6.27 24.31 16.12
C PRO A 166 -6.20 25.15 17.43
N ASP A 167 -7.30 25.18 18.15
CA ASP A 167 -7.41 25.98 19.40
C ASP A 167 -6.49 25.29 20.41
N MET A 168 -5.32 25.89 20.63
CA MET A 168 -4.25 25.24 21.45
C MET A 168 -4.56 25.22 22.95
N ASP A 169 -5.41 26.13 23.46
CA ASP A 169 -5.91 26.00 24.84
C ASP A 169 -6.68 24.71 24.99
N ALA A 170 -7.51 24.40 23.99
CA ALA A 170 -8.31 23.20 24.10
C ALA A 170 -7.42 21.96 23.91
N VAL A 171 -6.54 21.99 22.92
CA VAL A 171 -5.64 20.85 22.67
C VAL A 171 -4.73 20.58 23.88
N GLU A 172 -4.09 21.64 24.40
CA GLU A 172 -3.13 21.48 25.52
C GLU A 172 -3.82 20.88 26.72
N GLU A 173 -5.08 21.27 26.94
CA GLU A 173 -5.91 20.58 27.98
C GLU A 173 -6.22 19.09 27.68
N LEU A 174 -6.74 18.81 26.47
CA LEU A 174 -7.15 17.47 26.11
C LEU A 174 -5.99 16.45 26.16
N VAL A 175 -4.77 16.84 25.78
CA VAL A 175 -3.64 15.88 25.74
C VAL A 175 -3.14 15.47 27.14
N LYS A 176 -3.62 16.15 28.17
CA LYS A 176 -3.30 15.81 29.57
C LYS A 176 -4.04 14.56 30.05
N ASN A 177 -5.04 14.11 29.25
CA ASN A 177 -5.73 12.87 29.45
C ASN A 177 -4.92 11.75 28.75
N PRO A 178 -4.53 10.65 29.50
CA PRO A 178 -3.70 9.59 28.91
C PRO A 178 -4.45 8.71 27.90
N GLN A 179 -5.77 8.78 27.91
CA GLN A 179 -6.56 8.09 26.89
C GLN A 179 -6.32 8.69 25.47
N VAL A 180 -5.86 9.93 25.41
CA VAL A 180 -5.69 10.68 24.17
C VAL A 180 -4.38 10.26 23.48
N LYS A 181 -4.47 9.50 22.38
CA LYS A 181 -3.27 8.98 21.67
C LYS A 181 -2.83 9.75 20.45
N GLY A 182 -3.69 10.64 19.92
CA GLY A 182 -3.18 11.50 18.89
C GLY A 182 -4.18 12.50 18.39
N MET A 183 -3.81 13.09 17.26
CA MET A 183 -4.52 14.22 16.70
C MET A 183 -4.31 14.25 15.15
N TRP A 184 -5.35 14.71 14.46
CA TRP A 184 -5.26 15.04 13.06
C TRP A 184 -5.06 16.54 12.93
N VAL A 185 -4.24 16.93 11.96
CA VAL A 185 -4.32 18.29 11.48
C VAL A 185 -3.91 18.39 10.03
N VAL A 186 -4.58 19.28 9.26
CA VAL A 186 -4.08 19.66 7.95
C VAL A 186 -3.57 21.10 8.18
N PRO A 187 -2.25 21.29 8.22
CA PRO A 187 -1.60 22.51 8.73
C PRO A 187 -1.45 23.69 7.80
N VAL A 188 -1.74 23.51 6.49
CA VAL A 188 -1.57 24.58 5.49
C VAL A 188 -2.79 24.50 4.58
N PHE A 189 -3.44 25.63 4.40
CA PHE A 189 -4.68 25.65 3.59
C PHE A 189 -5.61 24.50 3.95
N SER A 190 -6.04 24.42 5.20
CA SER A 190 -6.61 23.22 5.76
C SER A 190 -7.88 22.84 5.06
N ASN A 191 -8.09 21.55 4.93
CA ASN A 191 -9.31 21.11 4.29
C ASN A 191 -10.39 21.09 5.43
N PRO A 192 -11.46 21.89 5.37
CA PRO A 192 -11.87 22.75 4.23
C PRO A 192 -11.73 24.28 4.52
N THR A 193 -11.25 24.64 5.71
CA THR A 193 -11.24 26.08 6.12
C THR A 193 -10.23 26.97 5.41
N GLY A 194 -9.18 26.39 4.84
CA GLY A 194 -8.09 27.17 4.20
C GLY A 194 -7.10 27.71 5.24
N PHE A 195 -7.34 27.46 6.51
CA PHE A 195 -6.52 28.06 7.57
C PHE A 195 -5.16 27.34 7.66
N THR A 196 -4.17 28.09 8.14
CA THR A 196 -2.77 27.72 8.17
C THR A 196 -2.20 27.87 9.57
N VAL A 197 -1.58 26.80 10.07
CA VAL A 197 -0.92 26.79 11.37
C VAL A 197 0.24 27.82 11.37
N THR A 198 0.22 28.70 12.38
CA THR A 198 1.30 29.69 12.52
C THR A 198 2.51 29.07 13.21
N GLU A 199 3.63 29.75 13.16
CA GLU A 199 4.85 29.29 13.87
C GLU A 199 4.58 29.15 15.37
N ASP A 200 3.82 30.09 15.95
CA ASP A 200 3.51 30.05 17.40
C ASP A 200 2.68 28.81 17.77
N VAL A 201 1.70 28.48 16.95
CA VAL A 201 0.87 27.31 17.22
C VAL A 201 1.66 25.99 17.06
N ALA A 202 2.47 25.88 16.00
CA ALA A 202 3.43 24.76 15.82
C ALA A 202 4.38 24.52 16.99
N LYS A 203 4.97 25.62 17.50
CA LYS A 203 5.74 25.58 18.73
C LYS A 203 4.99 25.10 19.94
N ARG A 204 3.75 25.54 20.11
CA ARG A 204 2.91 25.05 21.16
C ARG A 204 2.61 23.54 20.99
N LEU A 205 2.29 23.08 19.76
CA LEU A 205 2.10 21.65 19.53
C LEU A 205 3.40 20.92 19.82
N SER A 206 4.54 21.48 19.44
CA SER A 206 5.82 20.79 19.66
C SER A 206 6.22 20.72 21.10
N ALA A 207 5.93 21.76 21.88
CA ALA A 207 6.38 21.81 23.32
C ALA A 207 5.39 21.31 24.33
N MET A 208 4.11 21.10 23.98
CA MET A 208 3.13 20.74 25.00
C MET A 208 3.44 19.42 25.63
N GLU A 209 3.05 19.28 26.90
CA GLU A 209 3.20 18.05 27.62
C GLU A 209 1.98 17.15 27.37
N THR A 210 2.20 15.89 27.10
CA THR A 210 1.09 14.95 26.92
C THR A 210 1.19 13.88 27.95
N ALA A 211 0.03 13.38 28.36
CA ALA A 211 -0.05 12.30 29.34
C ALA A 211 0.31 10.92 28.75
N ALA A 212 -0.09 10.67 27.50
CA ALA A 212 0.41 9.50 26.79
C ALA A 212 1.88 9.63 26.42
N PRO A 213 2.70 8.59 26.71
CA PRO A 213 4.07 8.59 26.24
C PRO A 213 4.23 8.43 24.74
N ASP A 214 3.17 7.95 24.08
CA ASP A 214 3.24 7.53 22.68
C ASP A 214 2.27 8.28 21.78
N PHE A 215 1.92 9.51 22.22
CA PHE A 215 1.01 10.43 21.53
C PHE A 215 1.63 10.84 20.18
N ARG A 216 0.74 10.97 19.18
CA ARG A 216 1.17 11.33 17.82
C ARG A 216 0.25 12.40 17.21
N VAL A 217 0.88 13.40 16.61
CA VAL A 217 0.23 14.34 15.77
C VAL A 217 0.44 13.89 14.32
N VAL A 218 -0.66 13.69 13.65
CA VAL A 218 -0.59 13.53 12.15
C VAL A 218 -0.64 14.91 11.55
N TRP A 219 0.48 15.34 10.98
CA TRP A 219 0.62 16.62 10.38
C TRP A 219 0.52 16.35 8.87
N ASP A 220 -0.70 16.45 8.35
CA ASP A 220 -0.95 16.02 6.94
C ASP A 220 -0.94 17.26 6.09
N ASN A 221 0.24 17.57 5.63
CA ASN A 221 0.48 18.74 4.88
C ASN A 221 0.20 18.50 3.39
N ALA A 222 -1.04 18.09 3.13
CA ALA A 222 -1.57 17.79 1.81
C ALA A 222 -1.57 18.97 0.82
N TYR A 223 -1.52 20.22 1.31
CA TYR A 223 -1.54 21.43 0.46
C TYR A 223 -0.29 22.31 0.67
N ALA A 224 0.81 21.64 1.00
CA ALA A 224 2.11 22.31 1.33
C ALA A 224 2.60 23.36 0.33
N VAL A 225 2.31 23.15 -0.96
CA VAL A 225 2.65 24.07 -1.99
C VAL A 225 1.53 24.55 -2.88
N HIS A 226 0.32 24.43 -2.39
CA HIS A 226 -0.82 24.47 -3.26
C HIS A 226 -1.49 25.82 -3.18
N THR A 227 -0.71 26.83 -3.54
CA THR A 227 -1.17 28.24 -3.51
C THR A 227 -2.07 28.61 -4.67
N LEU A 228 -2.98 29.57 -4.44
CA LEU A 228 -3.77 30.20 -5.50
C LEU A 228 -3.06 31.45 -6.04
N THR A 229 -2.00 31.87 -5.37
CA THR A 229 -1.35 33.15 -5.69
C THR A 229 0.06 32.93 -6.24
N ASP A 230 0.85 34.02 -6.35
CA ASP A 230 2.28 33.91 -6.61
C ASP A 230 3.09 33.52 -5.34
N GLU A 231 2.52 33.64 -4.15
CA GLU A 231 3.32 33.36 -2.97
C GLU A 231 3.18 31.90 -2.54
N PHE A 232 4.27 31.27 -2.17
CA PHE A 232 4.24 29.91 -1.57
C PHE A 232 4.20 30.02 -0.07
N PRO A 233 3.37 29.20 0.61
CA PRO A 233 3.30 29.32 2.08
C PRO A 233 4.51 28.81 2.77
N GLU A 234 4.71 29.23 4.01
CA GLU A 234 5.90 28.81 4.73
C GLU A 234 5.74 27.32 4.99
N VAL A 235 6.83 26.61 4.89
CA VAL A 235 6.85 25.24 5.29
C VAL A 235 7.56 25.14 6.66
N ILE A 236 6.79 25.00 7.73
CA ILE A 236 7.39 24.85 9.05
C ILE A 236 8.03 23.46 9.11
N ASP A 237 9.28 23.36 9.59
CA ASP A 237 9.92 22.08 9.71
C ASP A 237 9.43 21.53 11.03
N ILE A 238 8.29 20.85 10.98
CA ILE A 238 7.61 20.49 12.19
C ILE A 238 8.35 19.35 12.95
N VAL A 239 8.93 18.43 12.18
CA VAL A 239 9.69 17.34 12.76
C VAL A 239 10.91 17.92 13.57
N GLY A 240 11.64 18.83 12.96
CA GLY A 240 12.68 19.65 13.64
C GLY A 240 12.21 20.36 14.89
N LEU A 241 11.03 21.00 14.84
CA LEU A 241 10.51 21.69 16.01
C LEU A 241 10.25 20.73 17.11
N GLY A 242 9.70 19.54 16.80
CA GLY A 242 9.52 18.53 17.79
C GLY A 242 10.87 18.07 18.40
N GLU A 243 11.88 17.89 17.58
CA GLU A 243 13.24 17.51 18.00
C GLU A 243 13.79 18.62 18.97
N ALA A 244 13.74 19.90 18.55
CA ALA A 244 14.22 21.03 19.40
C ALA A 244 13.54 21.16 20.72
N ALA A 245 12.25 20.89 20.75
CA ALA A 245 11.52 20.89 22.00
C ALA A 245 11.74 19.69 22.91
N GLY A 246 12.46 18.68 22.49
CA GLY A 246 12.61 17.50 23.36
C GLY A 246 11.50 16.49 23.20
N ASN A 247 10.62 16.67 22.19
CA ASN A 247 9.66 15.63 21.80
C ASN A 247 9.90 15.12 20.33
N PRO A 248 11.06 14.53 20.07
CA PRO A 248 11.38 14.24 18.72
C PRO A 248 10.39 13.33 18.00
N ASN A 249 9.71 12.41 18.70
CA ASN A 249 8.92 11.42 17.99
C ASN A 249 7.45 11.86 17.82
N ARG A 250 7.14 13.12 18.18
CA ARG A 250 5.74 13.52 18.31
C ARG A 250 5.00 13.53 16.94
N PHE A 251 5.68 13.94 15.87
CA PHE A 251 5.03 14.25 14.58
C PHE A 251 5.23 13.20 13.51
N TRP A 252 4.12 12.72 13.02
CA TRP A 252 4.07 11.92 11.82
C TRP A 252 3.58 12.88 10.69
N ALA A 253 4.47 13.30 9.78
CA ALA A 253 4.15 14.32 8.81
C ALA A 253 4.03 13.72 7.41
N PHE A 254 3.05 14.18 6.65
CA PHE A 254 2.80 13.63 5.29
C PHE A 254 2.61 14.73 4.27
N THR A 255 2.91 14.35 3.02
CA THR A 255 2.40 15.15 1.90
C THR A 255 2.40 14.23 0.66
N SER A 256 1.94 14.73 -0.49
CA SER A 256 1.90 13.92 -1.69
C SER A 256 1.83 14.80 -2.92
N THR A 257 1.96 14.15 -4.07
CA THR A 257 1.86 14.81 -5.35
C THR A 257 0.50 14.58 -5.99
N SER A 258 -0.52 14.15 -5.23
CA SER A 258 -1.79 13.73 -5.81
C SER A 258 -2.47 14.93 -6.50
N LYS A 259 -2.29 16.15 -5.96
CA LYS A 259 -2.85 17.37 -6.61
C LYS A 259 -1.73 18.20 -7.22
N ILE A 260 -0.64 17.54 -7.57
CA ILE A 260 0.48 18.15 -8.29
C ILE A 260 0.58 17.50 -9.66
N THR A 261 0.58 16.13 -9.71
CA THR A 261 0.75 15.37 -10.93
C THR A 261 -0.54 14.64 -11.26
N LEU A 262 -0.76 13.51 -10.61
CA LEU A 262 -1.87 12.64 -10.94
C LEU A 262 -2.52 12.18 -9.67
N ALA A 263 -3.83 12.34 -9.62
CA ALA A 263 -4.57 12.12 -8.39
C ALA A 263 -4.88 10.63 -8.24
N GLY A 264 -4.13 9.95 -7.37
CA GLY A 264 -4.18 8.50 -7.31
C GLY A 264 -3.00 7.72 -7.89
N ALA A 265 -2.09 8.42 -8.58
CA ALA A 265 -0.96 7.78 -9.20
C ALA A 265 0.30 8.56 -9.02
N GLY A 266 0.30 9.40 -8.01
CA GLY A 266 1.45 10.18 -7.65
C GLY A 266 2.38 9.46 -6.69
N VAL A 267 3.12 10.25 -5.92
CA VAL A 267 4.05 9.74 -4.93
C VAL A 267 3.67 10.38 -3.61
N SER A 268 3.68 9.59 -2.55
CA SER A 268 3.43 10.08 -1.18
C SER A 268 4.76 10.16 -0.40
N PHE A 269 4.76 11.00 0.65
CA PHE A 269 5.92 11.18 1.50
C PHE A 269 5.49 11.09 2.94
N PHE A 270 6.39 10.53 3.77
CA PHE A 270 6.21 10.37 5.19
C PHE A 270 7.52 10.96 5.79
N LEU A 271 7.37 12.06 6.53
CA LEU A 271 8.48 12.78 7.22
C LEU A 271 8.29 12.59 8.71
N THR A 272 9.33 12.06 9.37
CA THR A 272 9.25 11.77 10.77
C THR A 272 10.68 11.53 11.31
N SER A 273 10.76 11.40 12.62
CA SER A 273 12.07 11.28 13.29
C SER A 273 12.78 9.99 13.02
N ALA A 274 14.08 9.96 13.33
CA ALA A 274 14.90 8.73 13.15
C ALA A 274 14.28 7.50 13.75
N GLU A 275 13.88 7.61 15.02
CA GLU A 275 13.33 6.46 15.69
C GLU A 275 11.96 6.03 15.07
N ASN A 276 11.16 7.01 14.68
CA ASN A 276 9.85 6.67 14.07
C ASN A 276 10.07 5.94 12.67
N ARG A 277 11.08 6.40 11.90
CA ARG A 277 11.33 5.89 10.59
C ARG A 277 11.79 4.43 10.72
N LYS A 278 12.68 4.14 11.70
CA LYS A 278 13.09 2.72 11.93
C LYS A 278 11.92 1.85 12.35
N TRP A 279 11.04 2.38 13.19
CA TRP A 279 9.83 1.64 13.54
C TRP A 279 8.97 1.33 12.32
N TYR A 280 8.71 2.39 11.55
CA TYR A 280 7.88 2.30 10.34
C TYR A 280 8.47 1.28 9.30
N THR A 281 9.77 1.39 8.97
CA THR A 281 10.33 0.53 7.93
C THR A 281 10.49 -0.89 8.44
N GLY A 282 10.72 -1.08 9.77
CA GLY A 282 10.72 -2.42 10.32
C GLY A 282 9.36 -3.13 10.15
N HIS A 283 8.24 -2.42 10.27
CA HIS A 283 6.92 -3.03 10.01
C HIS A 283 6.62 -3.08 8.50
N ALA A 284 6.99 -2.03 7.77
CA ALA A 284 6.75 -1.99 6.28
C ALA A 284 7.48 -3.10 5.54
N GLY A 285 8.66 -3.50 6.05
CA GLY A 285 9.46 -4.55 5.52
C GLY A 285 8.91 -5.95 5.70
N ILE A 286 7.97 -6.13 6.62
CA ILE A 286 7.19 -7.36 6.74
C ILE A 286 5.93 -7.26 5.82
N ARG A 287 5.36 -6.09 5.70
CA ARG A 287 4.22 -5.89 4.79
C ARG A 287 4.61 -6.09 3.29
N GLY A 288 5.86 -5.81 2.94
CA GLY A 288 6.30 -5.96 1.58
C GLY A 288 7.74 -5.64 1.35
N ILE A 289 8.12 -5.67 0.08
CA ILE A 289 9.51 -5.49 -0.30
C ILE A 289 9.86 -4.02 -0.49
N GLY A 290 8.87 -3.17 -0.80
CA GLY A 290 9.08 -1.75 -0.78
C GLY A 290 8.27 -1.07 -1.84
N PRO A 291 8.38 0.24 -1.92
CA PRO A 291 7.44 0.98 -2.74
C PRO A 291 7.87 1.00 -4.22
N ASN A 292 6.99 1.53 -5.05
CA ASN A 292 7.21 1.60 -6.50
C ASN A 292 8.27 2.70 -6.87
N LYS A 293 9.47 2.24 -7.19
CA LYS A 293 10.60 3.09 -7.51
C LYS A 293 10.53 3.70 -8.94
N VAL A 294 9.84 3.01 -9.82
CA VAL A 294 9.75 3.45 -11.21
C VAL A 294 8.92 4.76 -11.27
N ASN A 295 7.77 4.74 -10.60
CA ASN A 295 6.92 5.94 -10.51
C ASN A 295 7.64 7.11 -9.80
N GLN A 296 8.47 6.78 -8.82
CA GLN A 296 9.28 7.79 -8.16
C GLN A 296 10.31 8.42 -9.14
N LEU A 297 10.97 7.61 -9.94
CA LEU A 297 11.94 8.13 -10.95
C LEU A 297 11.22 8.92 -12.03
N ALA A 298 10.07 8.43 -12.46
CA ALA A 298 9.21 9.20 -13.38
C ALA A 298 8.93 10.60 -12.88
N HIS A 299 8.56 10.71 -11.61
CA HIS A 299 8.31 11.96 -10.97
C HIS A 299 9.54 12.84 -10.89
N ALA A 300 10.68 12.28 -10.45
CA ALA A 300 11.92 13.01 -10.37
C ALA A 300 12.31 13.60 -11.72
N ARG A 301 12.15 12.79 -12.77
CA ARG A 301 12.41 13.27 -14.14
C ARG A 301 11.46 14.37 -14.60
N TYR A 302 10.19 14.24 -14.27
CA TYR A 302 9.21 15.24 -14.65
C TYR A 302 9.57 16.59 -14.03
N PHE A 303 9.81 16.60 -12.71
CA PHE A 303 10.07 17.86 -12.05
C PHE A 303 11.47 18.43 -12.25
N GLY A 304 12.45 17.55 -12.22
CA GLY A 304 13.86 17.86 -12.29
C GLY A 304 14.43 18.37 -10.98
N ASP A 305 13.80 19.39 -10.42
CA ASP A 305 14.19 19.95 -9.13
C ASP A 305 12.99 20.58 -8.42
N ALA A 306 13.19 21.08 -7.21
CA ALA A 306 12.15 21.74 -6.48
C ALA A 306 11.55 22.93 -7.22
N GLU A 307 12.37 23.73 -7.92
CA GLU A 307 11.80 24.86 -8.69
C GLU A 307 10.82 24.33 -9.74
N GLY A 308 11.15 23.18 -10.33
CA GLY A 308 10.25 22.50 -11.30
C GLY A 308 8.87 22.16 -10.68
N VAL A 309 8.86 21.77 -9.42
CA VAL A 309 7.60 21.55 -8.66
C VAL A 309 6.84 22.92 -8.53
N ARG A 310 7.49 23.97 -8.08
CA ARG A 310 6.84 25.27 -7.99
C ARG A 310 6.26 25.76 -9.33
N ALA A 311 6.98 25.50 -10.41
CA ALA A 311 6.55 25.89 -11.76
C ALA A 311 5.24 25.19 -12.10
N VAL A 312 5.14 23.91 -11.77
CA VAL A 312 3.88 23.21 -11.93
C VAL A 312 2.80 23.79 -11.03
N MET A 313 3.14 24.16 -9.76
CA MET A 313 2.11 24.71 -8.91
C MET A 313 1.54 26.05 -9.39
N ARG A 314 2.35 26.84 -10.07
CA ARG A 314 1.86 28.09 -10.70
C ARG A 314 0.84 27.80 -11.79
N LYS A 315 0.99 26.68 -12.53
CA LYS A 315 -0.02 26.32 -13.49
C LYS A 315 -1.36 25.94 -12.86
N HIS A 316 -1.29 25.11 -11.81
CA HIS A 316 -2.50 24.78 -11.04
C HIS A 316 -3.17 26.07 -10.51
N ALA A 317 -2.36 26.99 -9.94
CA ALA A 317 -2.92 28.24 -9.39
C ALA A 317 -3.66 29.00 -10.45
N ALA A 318 -3.04 29.11 -11.63
CA ALA A 318 -3.66 29.82 -12.75
C ALA A 318 -4.93 29.17 -13.21
N SER A 319 -5.01 27.83 -13.14
CA SER A 319 -6.24 27.13 -13.46
C SER A 319 -7.34 27.24 -12.36
N LEU A 320 -6.95 27.19 -11.11
CA LEU A 320 -7.92 27.22 -10.00
C LEU A 320 -8.38 28.63 -9.62
N ALA A 321 -7.48 29.63 -9.73
CA ALA A 321 -7.83 30.95 -9.26
C ALA A 321 -9.20 31.48 -9.79
N PRO A 322 -9.49 31.37 -11.11
CA PRO A 322 -10.77 31.98 -11.56
C PRO A 322 -11.99 31.25 -11.01
N LYS A 323 -11.83 29.96 -10.65
CA LYS A 323 -12.90 29.17 -10.11
C LYS A 323 -13.25 29.60 -8.67
N PHE A 324 -12.23 29.72 -7.84
CA PHE A 324 -12.41 30.28 -6.50
C PHE A 324 -12.97 31.73 -6.59
N ASN A 325 -12.46 32.51 -7.52
CA ASN A 325 -12.93 33.90 -7.69
C ASN A 325 -14.41 33.94 -8.02
N LYS A 326 -14.89 33.06 -8.91
CA LYS A 326 -16.29 33.05 -9.27
C LYS A 326 -17.18 32.74 -8.10
N VAL A 327 -16.78 31.75 -7.29
CA VAL A 327 -17.57 31.30 -6.14
C VAL A 327 -17.70 32.41 -5.09
N LEU A 328 -16.57 33.02 -4.81
CA LEU A 328 -16.48 34.14 -3.92
C LEU A 328 -17.28 35.40 -4.39
N GLU A 329 -17.16 35.73 -5.66
CA GLU A 329 -17.92 36.81 -6.28
C GLU A 329 -19.44 36.62 -6.15
N ILE A 330 -19.92 35.41 -6.37
CA ILE A 330 -21.35 35.08 -6.25
C ILE A 330 -21.86 35.10 -4.82
N LEU A 331 -21.10 34.52 -3.90
CA LEU A 331 -21.47 34.54 -2.52
C LEU A 331 -21.64 35.99 -2.01
N ASP A 332 -20.67 36.82 -2.37
CA ASP A 332 -20.69 38.26 -2.05
C ASP A 332 -21.94 38.98 -2.68
N SER A 333 -22.15 38.85 -3.97
CA SER A 333 -23.21 39.55 -4.62
C SER A 333 -24.61 39.11 -4.14
N ARG A 334 -24.82 37.81 -3.86
CA ARG A 334 -26.14 37.32 -3.40
C ARG A 334 -26.40 37.44 -1.89
N LEU A 335 -25.37 37.24 -1.05
CA LEU A 335 -25.58 37.03 0.38
C LEU A 335 -25.13 38.16 1.29
N ALA A 336 -24.20 38.98 0.84
CA ALA A 336 -23.59 40.02 1.67
C ALA A 336 -24.53 40.88 2.52
N GLU A 337 -25.54 41.41 1.87
CA GLU A 337 -26.51 42.32 2.54
C GLU A 337 -27.36 41.68 3.65
N TYR A 338 -27.44 40.32 3.69
CA TYR A 338 -28.41 39.64 4.55
C TYR A 338 -27.91 39.15 5.89
N GLY A 339 -26.59 39.07 6.13
CA GLY A 339 -26.11 38.62 7.42
C GLY A 339 -26.49 37.17 7.75
N VAL A 340 -26.57 36.32 6.74
CA VAL A 340 -27.01 34.92 6.95
C VAL A 340 -25.87 33.91 6.95
N ALA A 341 -24.77 34.24 6.35
CA ALA A 341 -23.68 33.32 6.10
C ALA A 341 -22.33 33.94 6.18
N GLN A 342 -21.34 33.12 6.50
CA GLN A 342 -19.95 33.56 6.55
C GLN A 342 -19.19 32.54 5.73
N TRP A 343 -18.19 32.95 4.99
CA TRP A 343 -17.44 31.99 4.22
C TRP A 343 -15.97 32.37 4.30
N THR A 344 -15.12 31.36 4.20
CA THR A 344 -13.71 31.58 4.14
C THR A 344 -13.28 32.15 2.81
N VAL A 345 -12.19 32.90 2.86
CA VAL A 345 -11.53 33.41 1.69
C VAL A 345 -10.09 32.84 1.62
N PRO A 346 -9.93 31.63 1.05
CA PRO A 346 -8.65 30.92 1.16
C PRO A 346 -7.67 31.43 0.11
N ALA A 347 -6.38 31.28 0.41
CA ALA A 347 -5.33 31.70 -0.53
C ALA A 347 -4.58 30.52 -1.10
N GLY A 348 -5.19 29.33 -0.90
CA GLY A 348 -4.65 28.08 -1.32
C GLY A 348 -5.57 26.93 -0.94
N GLY A 349 -5.14 25.71 -1.24
CA GLY A 349 -6.00 24.55 -1.05
C GLY A 349 -7.11 24.37 -2.06
N TYR A 350 -8.06 23.51 -1.68
CA TYR A 350 -9.05 23.00 -2.64
C TYR A 350 -10.50 23.35 -2.30
N PHE A 351 -10.72 24.08 -1.19
CA PHE A 351 -12.08 24.25 -0.69
C PHE A 351 -12.37 25.67 -0.19
N ILE A 352 -13.67 25.99 -0.19
CA ILE A 352 -14.23 27.12 0.51
C ILE A 352 -15.21 26.54 1.52
N SER A 353 -15.12 27.02 2.74
CA SER A 353 -15.99 26.57 3.83
C SER A 353 -17.07 27.59 4.06
N LEU A 354 -18.32 27.14 4.04
CA LEU A 354 -19.46 28.06 4.12
C LEU A 354 -20.26 27.74 5.38
N ASP A 355 -20.46 28.74 6.27
CA ASP A 355 -21.32 28.58 7.45
C ASP A 355 -22.65 29.31 7.18
N VAL A 356 -23.75 28.62 7.30
CA VAL A 356 -25.08 29.22 7.04
C VAL A 356 -25.77 29.41 8.39
N VAL A 357 -27.06 29.75 8.37
CA VAL A 357 -27.76 29.91 9.66
C VAL A 357 -27.70 28.57 10.43
N PRO A 358 -27.30 28.60 11.74
CA PRO A 358 -27.25 27.35 12.50
C PRO A 358 -28.61 26.73 12.59
N GLY A 359 -28.63 25.41 12.35
CA GLY A 359 -29.88 24.67 12.23
C GLY A 359 -30.37 24.52 10.82
N THR A 360 -29.69 25.08 9.80
CA THR A 360 -30.19 25.04 8.40
C THR A 360 -29.31 24.37 7.36
N ALA A 361 -28.09 23.94 7.70
CA ALA A 361 -27.18 23.38 6.68
C ALA A 361 -27.78 22.14 5.98
N SER A 362 -28.38 21.21 6.74
CA SER A 362 -29.03 20.07 6.15
C SER A 362 -30.17 20.51 5.17
N ARG A 363 -30.90 21.57 5.53
CA ARG A 363 -31.99 22.08 4.66
C ARG A 363 -31.43 22.72 3.36
N VAL A 364 -30.32 23.42 3.50
CA VAL A 364 -29.66 24.01 2.35
C VAL A 364 -29.28 22.93 1.37
N ALA A 365 -28.64 21.86 1.84
CA ALA A 365 -28.22 20.80 0.97
C ALA A 365 -29.42 20.07 0.39
N GLU A 366 -30.49 19.92 1.16
CA GLU A 366 -31.74 19.33 0.63
C GLU A 366 -32.37 20.19 -0.48
N LEU A 367 -32.47 21.48 -0.24
CA LEU A 367 -32.99 22.39 -1.28
C LEU A 367 -32.13 22.40 -2.51
N ALA A 368 -30.80 22.37 -2.32
CA ALA A 368 -29.92 22.36 -3.48
C ALA A 368 -30.14 21.07 -4.28
N LYS A 369 -30.29 19.97 -3.57
CA LYS A 369 -30.58 18.77 -4.26
C LYS A 369 -31.94 18.80 -5.06
N GLU A 370 -32.99 19.34 -4.47
CA GLU A 370 -34.25 19.49 -5.20
C GLU A 370 -34.08 20.34 -6.48
N ALA A 371 -33.16 21.31 -6.42
CA ALA A 371 -32.79 22.16 -7.55
C ALA A 371 -31.69 21.58 -8.48
N GLY A 372 -31.31 20.30 -8.31
CA GLY A 372 -30.32 19.68 -9.17
C GLY A 372 -28.86 20.03 -8.90
N ILE A 373 -28.56 20.54 -7.70
CA ILE A 373 -27.17 20.92 -7.35
C ILE A 373 -26.73 20.07 -6.18
N ALA A 374 -25.71 19.25 -6.39
CA ALA A 374 -25.17 18.40 -5.34
C ALA A 374 -24.14 19.15 -4.48
N LEU A 375 -24.42 19.23 -3.19
CA LEU A 375 -23.54 19.71 -2.16
C LEU A 375 -23.13 18.55 -1.24
N THR A 376 -21.95 18.66 -0.64
CA THR A 376 -21.50 17.65 0.31
C THR A 376 -22.50 17.77 1.42
N GLY A 377 -22.91 16.67 2.03
CA GLY A 377 -23.92 16.78 3.10
C GLY A 377 -23.50 17.59 4.33
N ALA A 378 -24.48 18.14 5.05
CA ALA A 378 -24.27 18.71 6.40
C ALA A 378 -23.51 17.73 7.31
N GLY A 379 -22.61 18.22 8.13
CA GLY A 379 -21.73 17.32 8.95
C GLY A 379 -20.59 16.59 8.27
N SER A 380 -20.46 16.66 6.93
CA SER A 380 -19.42 15.87 6.25
C SER A 380 -18.02 16.22 6.69
N SER A 381 -17.78 17.44 7.16
CA SER A 381 -16.48 17.84 7.65
C SER A 381 -16.27 17.63 9.21
N TYR A 382 -17.07 16.74 9.80
CA TYR A 382 -17.09 16.57 11.27
C TYR A 382 -17.04 15.09 11.58
N PRO A 383 -16.49 14.73 12.75
CA PRO A 383 -16.43 13.29 13.09
C PRO A 383 -17.83 12.75 13.22
N LEU A 384 -18.00 11.51 12.77
CA LEU A 384 -19.24 10.81 12.67
C LEU A 384 -20.28 11.59 11.89
N ARG A 385 -19.82 12.51 11.02
CA ARG A 385 -20.77 13.39 10.33
C ARG A 385 -21.77 14.18 11.20
N GLN A 386 -21.37 14.64 12.41
CA GLN A 386 -22.20 15.34 13.39
C GLN A 386 -21.65 16.71 13.62
N ASP A 387 -22.21 17.70 12.95
CA ASP A 387 -21.88 19.14 13.19
C ASP A 387 -22.93 19.53 14.21
N PRO A 388 -22.50 19.82 15.46
CA PRO A 388 -23.51 20.12 16.51
C PRO A 388 -24.34 21.41 16.25
N GLU A 389 -23.89 22.28 15.35
CA GLU A 389 -24.65 23.49 15.03
C GLU A 389 -25.37 23.41 13.70
N ASN A 390 -25.22 22.29 12.95
CA ASN A 390 -25.87 22.12 11.63
C ASN A 390 -25.76 23.45 10.85
N LYS A 391 -24.53 23.90 10.61
CA LYS A 391 -24.29 25.17 9.97
C LYS A 391 -23.30 25.10 8.81
N ASN A 392 -22.37 24.11 8.81
CA ASN A 392 -21.24 24.18 7.90
C ASN A 392 -21.53 23.39 6.61
N LEU A 393 -21.10 23.94 5.49
CA LEU A 393 -21.09 23.24 4.23
C LEU A 393 -19.71 23.43 3.58
N ARG A 394 -19.25 22.42 2.86
CA ARG A 394 -17.97 22.44 2.15
C ARG A 394 -18.26 22.71 0.66
N LEU A 395 -17.58 23.68 0.06
CA LEU A 395 -17.66 23.93 -1.39
C LEU A 395 -16.35 23.56 -2.10
N ALA A 396 -16.45 22.80 -3.20
CA ALA A 396 -15.27 22.28 -3.92
C ALA A 396 -15.26 22.92 -5.34
N PRO A 397 -14.48 24.01 -5.56
CA PRO A 397 -14.53 24.68 -6.87
C PRO A 397 -13.69 24.12 -8.01
N SER A 398 -12.77 23.22 -7.70
CA SER A 398 -11.73 22.84 -8.65
C SER A 398 -12.23 22.14 -9.96
N LEU A 399 -13.22 21.28 -9.93
CA LEU A 399 -13.45 20.50 -11.14
C LEU A 399 -14.25 21.23 -12.22
N PRO A 400 -15.39 21.82 -11.86
CA PRO A 400 -16.27 22.34 -12.95
C PRO A 400 -15.68 23.57 -13.67
N PRO A 401 -16.08 23.80 -14.92
CA PRO A 401 -15.78 25.10 -15.51
C PRO A 401 -16.45 26.29 -14.79
N VAL A 402 -15.94 27.48 -15.00
CA VAL A 402 -16.42 28.67 -14.31
C VAL A 402 -17.89 28.96 -14.60
N GLU A 403 -18.31 28.72 -15.84
CA GLU A 403 -19.74 28.93 -16.20
C GLU A 403 -20.67 28.10 -15.30
N GLU A 404 -20.28 26.87 -14.97
CA GLU A 404 -21.09 25.97 -14.15
C GLU A 404 -21.07 26.40 -12.69
N LEU A 405 -19.89 26.83 -12.26
CA LEU A 405 -19.73 27.38 -10.90
C LEU A 405 -20.64 28.59 -10.69
N GLU A 406 -20.70 29.49 -11.68
CA GLU A 406 -21.57 30.65 -11.60
C GLU A 406 -23.02 30.26 -11.34
N VAL A 407 -23.54 29.34 -12.17
CA VAL A 407 -24.92 28.90 -12.10
C VAL A 407 -25.19 28.16 -10.77
N ALA A 408 -24.33 27.18 -10.47
CA ALA A 408 -24.45 26.42 -9.30
C ALA A 408 -24.46 27.30 -8.05
N MET A 409 -23.49 28.21 -7.92
CA MET A 409 -23.43 29.05 -6.70
C MET A 409 -24.60 30.05 -6.58
N ASP A 410 -25.05 30.54 -7.72
CA ASP A 410 -26.21 31.41 -7.72
C ASP A 410 -27.36 30.65 -7.11
N GLY A 411 -27.51 29.35 -7.46
CA GLY A 411 -28.54 28.53 -6.88
C GLY A 411 -28.33 28.22 -5.41
N VAL A 412 -27.09 27.87 -5.05
CA VAL A 412 -26.74 27.66 -3.64
C VAL A 412 -27.11 28.86 -2.83
N ALA A 413 -26.77 30.07 -3.29
CA ALA A 413 -27.11 31.27 -2.55
C ALA A 413 -28.65 31.44 -2.30
N THR A 414 -29.43 31.13 -3.32
CA THR A 414 -30.87 31.13 -3.20
C THR A 414 -31.32 30.13 -2.14
N CYS A 415 -30.68 28.94 -2.12
CA CYS A 415 -31.04 27.95 -1.13
C CYS A 415 -30.72 28.38 0.33
N VAL A 416 -29.57 29.05 0.49
CA VAL A 416 -29.14 29.54 1.79
C VAL A 416 -30.23 30.51 2.28
N LEU A 417 -30.64 31.42 1.39
CA LEU A 417 -31.64 32.43 1.74
C LEU A 417 -33.03 31.88 2.10
N LEU A 418 -33.49 30.93 1.32
CA LEU A 418 -34.77 30.27 1.53
C LEU A 418 -34.76 29.47 2.84
N ALA A 419 -33.67 28.70 3.07
CA ALA A 419 -33.55 27.97 4.33
C ALA A 419 -33.54 28.93 5.53
N ALA A 420 -32.80 30.03 5.41
CA ALA A 420 -32.76 31.04 6.46
C ALA A 420 -34.17 31.65 6.70
N ALA A 421 -34.86 31.97 5.60
CA ALA A 421 -36.22 32.57 5.66
C ALA A 421 -37.22 31.58 6.35
N GLU A 422 -37.15 30.28 5.99
CA GLU A 422 -37.97 29.24 6.67
C GLU A 422 -37.71 29.18 8.17
N HIS A 423 -36.41 29.18 8.51
CA HIS A 423 -35.95 29.10 9.88
C HIS A 423 -36.40 30.28 10.73
N TYR A 424 -36.20 31.49 10.25
CA TYR A 424 -36.64 32.62 11.05
C TYR A 424 -38.17 32.86 11.05
N ALA A 425 -38.87 32.50 9.97
CA ALA A 425 -40.33 32.53 9.91
C ALA A 425 -40.99 31.54 10.87
N ASN A 426 -40.41 30.34 11.05
CA ASN A 426 -40.88 29.28 11.99
C ASN A 426 -40.62 29.68 13.48
N LEU A 427 -39.55 30.42 13.76
CA LEU A 427 -39.38 31.04 15.07
C LEU A 427 -40.46 32.11 15.26
N VAL B 4 29.98 -45.66 -4.75
CA VAL B 4 29.90 -45.85 -3.26
C VAL B 4 29.64 -44.47 -2.66
N SER B 5 28.73 -44.40 -1.70
CA SER B 5 28.40 -43.10 -1.12
C SER B 5 29.43 -42.75 -0.05
N LEU B 6 29.58 -41.44 0.19
CA LEU B 6 30.49 -40.93 1.20
C LEU B 6 30.20 -41.56 2.58
N GLN B 7 28.93 -41.73 2.97
CA GLN B 7 28.68 -42.33 4.29
C GLN B 7 29.30 -43.72 4.46
N ASP B 8 29.46 -44.46 3.36
CA ASP B 8 30.03 -45.83 3.34
C ASP B 8 31.58 -45.86 3.34
N PHE B 9 32.26 -44.71 3.16
CA PHE B 9 33.71 -44.68 3.22
C PHE B 9 34.12 -45.07 4.65
N ASP B 10 35.19 -45.87 4.81
CA ASP B 10 35.72 -46.20 6.13
C ASP B 10 36.56 -45.06 6.66
N ALA B 11 37.05 -45.16 7.89
CA ALA B 11 37.77 -44.06 8.53
C ALA B 11 38.96 -43.57 7.66
N GLU B 12 39.70 -44.49 7.10
CA GLU B 12 40.89 -44.10 6.34
C GLU B 12 40.52 -43.36 5.03
N ARG B 13 39.57 -43.91 4.29
CA ARG B 13 39.15 -43.33 3.05
C ARG B 13 38.49 -41.94 3.23
N ILE B 14 37.71 -41.77 4.31
CA ILE B 14 37.05 -40.48 4.56
C ILE B 14 38.08 -39.45 5.02
N GLY B 15 39.14 -39.90 5.73
CA GLY B 15 40.26 -39.05 6.10
C GLY B 15 41.01 -38.54 4.84
N LEU B 16 41.27 -39.41 3.89
CA LEU B 16 41.87 -38.94 2.58
C LEU B 16 40.93 -37.98 1.83
N PHE B 17 39.66 -38.36 1.79
CA PHE B 17 38.70 -37.48 1.11
C PHE B 17 38.66 -36.10 1.79
N HIS B 18 38.61 -36.09 3.11
CA HIS B 18 38.59 -34.87 3.88
C HIS B 18 39.75 -34.02 3.64
N GLU B 19 40.95 -34.56 3.66
CA GLU B 19 42.13 -33.70 3.35
C GLU B 19 42.08 -33.07 1.95
N ASP B 20 41.63 -33.85 0.99
CA ASP B 20 41.62 -33.38 -0.39
C ASP B 20 40.53 -32.30 -0.56
N ILE B 21 39.32 -32.53 -0.03
CA ILE B 21 38.25 -31.51 -0.19
C ILE B 21 38.60 -30.25 0.62
N LYS B 22 39.31 -30.40 1.74
N LYS B 22 39.30 -30.41 1.74
CA LYS B 22 39.73 -29.24 2.50
CA LYS B 22 39.74 -29.24 2.52
C LYS B 22 40.71 -28.39 1.73
C LYS B 22 40.70 -28.38 1.72
N ARG B 23 41.60 -29.05 1.00
CA ARG B 23 42.51 -28.33 0.13
C ARG B 23 41.72 -27.57 -0.93
N LYS B 24 40.76 -28.23 -1.55
CA LYS B 24 39.97 -27.50 -2.56
C LYS B 24 39.23 -26.31 -1.95
N PHE B 25 38.74 -26.47 -0.73
CA PHE B 25 38.07 -25.36 -0.07
C PHE B 25 38.98 -24.17 0.19
N ASP B 26 40.21 -24.46 0.65
CA ASP B 26 41.25 -23.45 0.80
C ASP B 26 41.56 -22.73 -0.50
N GLU B 27 41.64 -23.49 -1.59
CA GLU B 27 41.79 -22.93 -2.91
C GLU B 27 40.59 -22.04 -3.34
N LEU B 28 39.39 -22.50 -3.03
CA LEU B 28 38.20 -21.66 -3.17
C LEU B 28 38.26 -20.36 -2.40
N LYS B 29 38.63 -20.37 -1.12
CA LYS B 29 38.73 -19.12 -0.37
C LYS B 29 39.79 -18.16 -0.92
N SER B 30 40.87 -18.73 -1.45
CA SER B 30 41.96 -17.92 -1.99
C SER B 30 41.52 -17.11 -3.23
N LYS B 31 40.39 -17.47 -3.84
CA LYS B 31 39.85 -16.70 -4.97
C LYS B 31 39.25 -15.34 -4.57
N ASN B 32 38.93 -15.10 -3.30
CA ASN B 32 38.37 -13.82 -2.83
C ASN B 32 37.11 -13.47 -3.62
N LEU B 33 36.25 -14.47 -3.75
CA LEU B 33 34.99 -14.32 -4.49
C LEU B 33 34.04 -13.38 -3.77
N LYS B 34 33.11 -12.82 -4.49
CA LYS B 34 31.98 -12.01 -3.92
C LYS B 34 30.77 -12.31 -4.83
N LEU B 35 30.09 -13.41 -4.52
CA LEU B 35 28.98 -13.91 -5.33
C LEU B 35 27.81 -14.16 -4.39
N ASP B 36 26.60 -14.22 -4.93
CA ASP B 36 25.40 -14.16 -4.12
C ASP B 36 24.32 -15.03 -4.79
N LEU B 37 23.84 -16.06 -4.10
CA LEU B 37 22.75 -16.89 -4.65
C LEU B 37 21.48 -16.76 -3.80
N THR B 38 21.30 -15.59 -3.17
CA THR B 38 20.26 -15.45 -2.17
C THR B 38 18.92 -14.90 -2.70
N ARG B 39 18.87 -14.07 -3.73
CA ARG B 39 17.59 -13.38 -3.94
C ARG B 39 16.93 -13.83 -5.24
N GLY B 40 15.65 -14.13 -5.24
CA GLY B 40 14.99 -14.51 -6.45
C GLY B 40 14.57 -13.28 -7.23
N LYS B 41 15.53 -12.45 -7.65
CA LYS B 41 15.28 -11.18 -8.39
C LYS B 41 15.49 -11.56 -9.90
N PRO B 42 14.66 -11.04 -10.79
CA PRO B 42 14.92 -11.12 -12.25
C PRO B 42 16.25 -10.46 -12.59
N SER B 43 16.94 -10.94 -13.63
CA SER B 43 18.16 -10.25 -14.05
C SER B 43 17.87 -8.96 -14.79
N SER B 44 18.91 -8.18 -15.03
CA SER B 44 18.81 -6.97 -15.86
C SER B 44 18.38 -7.37 -17.28
N GLU B 45 18.86 -8.51 -17.78
CA GLU B 45 18.42 -9.02 -19.09
C GLU B 45 16.86 -9.19 -19.14
N GLN B 46 16.30 -9.80 -18.09
CA GLN B 46 14.84 -9.96 -18.02
C GLN B 46 14.09 -8.65 -17.91
N LEU B 47 14.62 -7.76 -17.10
CA LEU B 47 14.00 -6.46 -16.94
C LEU B 47 14.00 -5.66 -18.26
N ASP B 48 15.06 -5.81 -19.07
CA ASP B 48 15.15 -5.14 -20.39
C ASP B 48 13.94 -5.45 -21.24
N PHE B 49 13.32 -6.63 -21.09
CA PHE B 49 12.17 -7.00 -21.92
C PHE B 49 11.05 -5.97 -21.84
N ALA B 50 10.79 -5.42 -20.63
CA ALA B 50 9.76 -4.37 -20.44
C ALA B 50 10.25 -2.94 -20.59
N ASP B 51 11.32 -2.71 -21.34
CA ASP B 51 11.77 -1.33 -21.59
C ASP B 51 10.62 -0.38 -22.04
N GLU B 52 9.76 -0.84 -22.96
CA GLU B 52 8.61 -0.07 -23.47
C GLU B 52 7.65 0.35 -22.34
N LEU B 53 7.49 -0.48 -21.33
CA LEU B 53 6.60 -0.12 -20.26
C LEU B 53 7.01 1.14 -19.51
N LEU B 54 8.30 1.46 -19.50
CA LEU B 54 8.81 2.71 -18.95
C LEU B 54 8.28 3.94 -19.66
N ALA B 55 7.70 3.75 -20.89
CA ALA B 55 7.12 4.87 -21.67
C ALA B 55 5.62 4.80 -21.75
N LEU B 56 4.98 3.92 -20.98
CA LEU B 56 3.54 3.65 -21.09
C LEU B 56 2.82 4.19 -19.88
N PRO B 57 1.54 4.57 -19.99
CA PRO B 57 0.73 4.38 -21.15
C PRO B 57 0.97 5.39 -22.29
N GLY B 58 1.73 6.43 -22.06
CA GLY B 58 2.11 7.36 -23.11
C GLY B 58 1.22 8.58 -23.14
N LYS B 59 1.71 9.64 -23.75
CA LYS B 59 1.01 10.90 -23.78
C LYS B 59 -0.40 10.75 -24.36
N GLY B 60 -1.40 11.34 -23.70
CA GLY B 60 -2.79 11.38 -24.21
C GLY B 60 -3.57 10.09 -24.00
N ASP B 61 -2.93 9.05 -23.46
CA ASP B 61 -3.62 7.77 -23.30
C ASP B 61 -3.93 7.45 -21.82
N PHE B 62 -5.14 7.77 -21.41
CA PHE B 62 -5.49 7.78 -19.96
C PHE B 62 -6.90 7.41 -19.68
N LYS B 63 -7.58 6.77 -20.64
CA LYS B 63 -8.92 6.31 -20.35
C LYS B 63 -8.92 4.78 -20.34
N ALA B 64 -9.49 4.22 -19.29
CA ALA B 64 -9.79 2.80 -19.20
C ALA B 64 -10.93 2.49 -20.17
N ALA B 65 -11.20 1.21 -20.40
CA ALA B 65 -12.19 0.83 -21.42
C ALA B 65 -13.65 1.19 -21.06
N ASP B 66 -13.92 1.44 -19.79
CA ASP B 66 -15.23 1.88 -19.35
C ASP B 66 -15.33 3.39 -19.28
N GLY B 67 -14.35 4.11 -19.81
CA GLY B 67 -14.31 5.57 -19.75
C GLY B 67 -13.61 6.19 -18.54
N THR B 68 -13.09 5.39 -17.58
CA THR B 68 -12.48 5.97 -16.36
C THR B 68 -11.27 6.78 -16.75
N ASP B 69 -11.16 8.00 -16.27
CA ASP B 69 -9.92 8.76 -16.41
C ASP B 69 -8.94 8.22 -15.37
N VAL B 70 -7.91 7.50 -15.81
CA VAL B 70 -7.00 6.84 -14.82
C VAL B 70 -6.13 7.82 -14.05
N ARG B 71 -6.10 9.07 -14.49
CA ARG B 71 -5.26 10.12 -13.86
C ARG B 71 -5.92 10.69 -12.64
N ASN B 72 -7.19 10.41 -12.42
CA ASN B 72 -7.95 11.07 -11.32
C ASN B 72 -8.39 10.09 -10.28
N TYR B 73 -8.83 10.60 -9.11
CA TYR B 73 -9.22 9.76 -8.00
C TYR B 73 -10.35 8.79 -8.25
N GLY B 74 -10.23 7.62 -7.63
CA GLY B 74 -11.37 6.81 -7.29
C GLY B 74 -11.32 5.47 -7.98
N GLY B 75 -12.06 4.57 -7.40
CA GLY B 75 -12.20 3.17 -7.91
C GLY B 75 -11.30 2.24 -7.06
N LEU B 76 -11.89 1.43 -6.24
CA LEU B 76 -11.15 0.52 -5.35
C LEU B 76 -10.75 -0.83 -5.96
N ASP B 77 -11.34 -1.23 -7.07
CA ASP B 77 -11.20 -2.58 -7.63
C ASP B 77 -10.06 -2.75 -8.64
N GLY B 78 -9.49 -1.64 -9.08
CA GLY B 78 -8.50 -1.62 -10.23
C GLY B 78 -9.33 -1.52 -11.50
N ILE B 79 -8.67 -1.25 -12.64
CA ILE B 79 -9.42 -0.88 -13.87
C ILE B 79 -9.76 -2.17 -14.66
N VAL B 80 -10.86 -2.13 -15.43
CA VAL B 80 -11.33 -3.31 -16.08
C VAL B 80 -10.31 -3.86 -17.08
N ASP B 81 -9.51 -3.00 -17.65
CA ASP B 81 -8.52 -3.34 -18.74
C ASP B 81 -7.57 -4.45 -18.24
N ILE B 82 -6.96 -4.20 -17.09
CA ILE B 82 -6.02 -5.16 -16.56
C ILE B 82 -6.70 -6.35 -15.92
N ARG B 83 -7.81 -6.13 -15.23
CA ARG B 83 -8.57 -7.23 -14.63
C ARG B 83 -9.00 -8.27 -15.67
N GLN B 84 -9.44 -7.77 -16.83
CA GLN B 84 -9.94 -8.66 -17.91
C GLN B 84 -8.86 -9.50 -18.52
N ILE B 85 -7.70 -8.87 -18.71
CA ILE B 85 -6.55 -9.59 -19.25
C ILE B 85 -6.17 -10.72 -18.26
N TRP B 86 -6.09 -10.42 -16.96
CA TRP B 86 -5.70 -11.44 -16.00
C TRP B 86 -6.77 -12.54 -15.90
N ALA B 87 -8.02 -12.13 -15.93
CA ALA B 87 -9.12 -13.07 -15.98
C ALA B 87 -9.03 -14.03 -17.16
N ASP B 88 -8.79 -13.50 -18.35
CA ASP B 88 -8.58 -14.28 -19.57
C ASP B 88 -7.33 -15.21 -19.39
N LEU B 89 -6.26 -14.66 -18.81
CA LEU B 89 -5.03 -15.40 -18.67
C LEU B 89 -5.23 -16.64 -17.81
N LEU B 90 -5.95 -16.44 -16.71
CA LEU B 90 -6.11 -17.43 -15.66
C LEU B 90 -7.36 -18.32 -15.91
N GLY B 91 -8.21 -17.94 -16.84
CA GLY B 91 -9.44 -18.71 -17.11
C GLY B 91 -10.51 -18.63 -16.02
N VAL B 92 -10.63 -17.47 -15.40
CA VAL B 92 -11.63 -17.21 -14.36
C VAL B 92 -12.54 -16.04 -14.77
N PRO B 93 -13.73 -15.92 -14.17
CA PRO B 93 -14.61 -14.81 -14.45
C PRO B 93 -13.98 -13.47 -14.01
N VAL B 94 -14.10 -12.40 -14.80
CA VAL B 94 -13.49 -11.12 -14.46
C VAL B 94 -13.98 -10.60 -13.09
N GLU B 95 -15.19 -10.97 -12.66
CA GLU B 95 -15.74 -10.49 -11.40
C GLU B 95 -14.89 -10.92 -10.20
N GLN B 96 -14.20 -12.03 -10.34
CA GLN B 96 -13.31 -12.56 -9.28
C GLN B 96 -12.10 -11.67 -9.01
N VAL B 97 -11.67 -10.88 -10.02
CA VAL B 97 -10.37 -10.24 -10.04
C VAL B 97 -10.44 -8.82 -9.52
N LEU B 98 -9.60 -8.53 -8.52
CA LEU B 98 -9.31 -7.21 -8.11
C LEU B 98 -7.84 -6.98 -8.43
N ALA B 99 -7.53 -5.76 -8.83
CA ALA B 99 -6.17 -5.37 -9.21
C ALA B 99 -5.72 -4.22 -8.33
N GLY B 100 -4.55 -4.37 -7.76
CA GLY B 100 -4.08 -3.45 -6.72
C GLY B 100 -2.87 -2.70 -7.19
N ASP B 101 -2.00 -2.41 -6.22
CA ASP B 101 -0.71 -1.77 -6.46
C ASP B 101 0.39 -2.78 -6.81
N ALA B 102 1.66 -2.50 -6.53
CA ALA B 102 2.76 -3.33 -6.99
C ALA B 102 3.19 -4.46 -6.09
N SER B 103 2.47 -4.77 -5.03
CA SER B 103 2.85 -5.89 -4.20
C SER B 103 1.65 -6.73 -3.75
N SER B 104 1.65 -8.03 -4.07
CA SER B 104 0.68 -8.94 -3.54
C SER B 104 0.89 -9.21 -2.01
N LEU B 105 2.14 -9.27 -1.55
CA LEU B 105 2.42 -9.37 -0.14
C LEU B 105 1.71 -8.28 0.66
N ASN B 106 1.68 -7.04 0.15
CA ASN B 106 1.02 -5.94 0.87
C ASN B 106 -0.43 -6.36 1.16
N ILE B 107 -1.06 -6.98 0.18
CA ILE B 107 -2.52 -7.31 0.28
C ILE B 107 -2.67 -8.48 1.22
N MET B 108 -1.77 -9.45 1.12
CA MET B 108 -1.82 -10.63 2.04
C MET B 108 -1.68 -10.17 3.50
N PHE B 109 -0.71 -9.28 3.70
CA PHE B 109 -0.50 -8.60 5.03
C PHE B 109 -1.78 -7.93 5.45
N ASP B 110 -2.35 -7.12 4.55
CA ASP B 110 -3.52 -6.37 4.89
C ASP B 110 -4.72 -7.23 5.30
N VAL B 111 -5.00 -8.26 4.54
CA VAL B 111 -6.16 -9.10 4.87
C VAL B 111 -5.98 -9.89 6.23
N ILE B 112 -4.76 -10.30 6.53
CA ILE B 112 -4.48 -10.90 7.83
C ILE B 112 -4.57 -9.82 8.93
N SER B 113 -3.98 -8.63 8.74
CA SER B 113 -4.07 -7.60 9.73
C SER B 113 -5.53 -7.18 10.04
N TRP B 114 -6.36 -7.18 9.00
CA TRP B 114 -7.78 -6.81 9.14
C TRP B 114 -8.57 -7.91 9.77
N SER B 115 -8.23 -9.15 9.49
CA SER B 115 -8.81 -10.24 10.22
C SER B 115 -8.45 -10.19 11.74
N TYR B 116 -7.23 -9.78 12.04
CA TYR B 116 -6.79 -9.59 13.37
C TYR B 116 -7.54 -8.45 14.11
N ILE B 117 -7.66 -7.30 13.44
CA ILE B 117 -8.27 -6.12 13.97
C ILE B 117 -9.80 -6.16 14.04
N PHE B 118 -10.44 -6.46 12.92
CA PHE B 118 -11.86 -6.28 12.71
C PHE B 118 -12.55 -7.63 12.64
N GLY B 119 -11.81 -8.71 12.43
CA GLY B 119 -12.39 -9.96 11.99
C GLY B 119 -12.58 -9.93 10.47
N ASN B 120 -12.68 -11.09 9.84
CA ASN B 120 -13.10 -11.13 8.43
C ASN B 120 -14.65 -11.27 8.35
N ASN B 121 -15.17 -11.38 7.14
CA ASN B 121 -16.65 -11.39 6.98
C ASN B 121 -17.36 -12.61 7.58
N ASP B 122 -16.60 -13.67 7.87
CA ASP B 122 -17.14 -14.87 8.49
C ASP B 122 -16.79 -14.99 9.98
N SER B 123 -16.14 -13.99 10.51
CA SER B 123 -15.67 -14.05 11.88
C SER B 123 -16.80 -13.76 12.89
N VAL B 124 -16.77 -14.47 14.01
CA VAL B 124 -17.61 -14.10 15.14
C VAL B 124 -16.96 -13.02 15.95
N GLN B 125 -15.62 -12.97 16.00
CA GLN B 125 -14.93 -11.89 16.67
C GLN B 125 -13.50 -11.75 16.05
N PRO B 126 -12.87 -10.57 16.21
CA PRO B 126 -11.51 -10.36 15.72
C PRO B 126 -10.52 -11.42 16.25
N TRP B 127 -9.55 -11.76 15.42
CA TRP B 127 -8.56 -12.75 15.83
C TRP B 127 -7.70 -12.20 16.98
N SER B 128 -7.59 -10.89 17.15
CA SER B 128 -6.97 -10.29 18.30
C SER B 128 -7.56 -10.74 19.66
N LYS B 129 -8.81 -11.13 19.66
CA LYS B 129 -9.47 -11.57 20.90
C LYS B 129 -9.18 -13.05 21.18
N GLU B 130 -8.49 -13.76 20.28
CA GLU B 130 -8.14 -15.15 20.57
C GLU B 130 -6.94 -15.29 21.48
N GLU B 131 -6.99 -16.28 22.36
CA GLU B 131 -5.86 -16.58 23.25
C GLU B 131 -4.66 -17.05 22.37
N THR B 132 -4.96 -17.92 21.42
CA THR B 132 -3.95 -18.46 20.48
C THR B 132 -4.51 -18.54 19.11
N VAL B 133 -3.70 -18.08 18.13
CA VAL B 133 -4.03 -18.24 16.68
C VAL B 133 -2.94 -19.17 16.12
N LYS B 134 -3.36 -20.30 15.54
CA LYS B 134 -2.52 -21.22 14.81
C LYS B 134 -2.66 -21.05 13.29
N TRP B 135 -1.60 -21.37 12.57
CA TRP B 135 -1.54 -21.14 11.12
C TRP B 135 -0.73 -22.26 10.51
N ILE B 136 -1.25 -22.87 9.46
CA ILE B 136 -0.64 -24.02 8.82
C ILE B 136 0.41 -23.58 7.75
N CYS B 137 1.61 -24.15 7.87
CA CYS B 137 2.74 -23.75 7.04
C CYS B 137 3.37 -24.93 6.34
N PRO B 138 3.01 -25.16 5.10
CA PRO B 138 3.71 -26.18 4.34
C PRO B 138 5.20 -25.78 4.15
N VAL B 139 6.06 -26.78 4.29
CA VAL B 139 7.47 -26.60 4.26
C VAL B 139 8.15 -27.63 3.37
N PRO B 140 9.26 -27.29 2.76
CA PRO B 140 9.86 -25.95 2.74
C PRO B 140 8.88 -24.97 2.05
N GLY B 141 8.89 -23.74 2.50
CA GLY B 141 8.02 -22.70 1.99
C GLY B 141 8.70 -21.36 1.91
N TYR B 142 7.89 -20.33 1.81
CA TYR B 142 8.35 -18.98 1.53
C TYR B 142 8.54 -18.15 2.79
N ASP B 143 9.76 -17.71 3.03
CA ASP B 143 10.14 -16.97 4.19
C ASP B 143 9.34 -15.70 4.48
N ARG B 144 8.99 -14.97 3.43
CA ARG B 144 8.20 -13.74 3.58
C ARG B 144 6.77 -14.00 4.04
N HIS B 145 6.21 -15.15 3.66
CA HIS B 145 4.88 -15.60 4.24
C HIS B 145 5.03 -15.81 5.78
N PHE B 146 6.01 -16.66 6.14
CA PHE B 146 6.21 -16.98 7.53
C PHE B 146 6.52 -15.79 8.41
N SER B 147 7.27 -14.81 7.87
CA SER B 147 7.54 -13.57 8.58
C SER B 147 6.29 -12.80 8.97
N ILE B 148 5.29 -12.79 8.10
CA ILE B 148 4.03 -12.14 8.40
C ILE B 148 3.32 -12.76 9.58
N THR B 149 3.13 -14.05 9.54
CA THR B 149 2.48 -14.72 10.65
C THR B 149 3.32 -14.77 11.91
N GLU B 150 4.65 -14.86 11.79
CA GLU B 150 5.54 -14.59 12.96
C GLU B 150 5.34 -13.18 13.60
N ARG B 151 5.31 -12.16 12.77
CA ARG B 151 5.13 -10.82 13.27
C ARG B 151 3.80 -10.61 14.05
N PHE B 152 2.80 -11.27 13.59
CA PHE B 152 1.47 -11.27 14.24
C PHE B 152 1.34 -12.16 15.45
N GLY B 153 2.36 -12.92 15.77
CA GLY B 153 2.35 -13.79 16.96
C GLY B 153 1.63 -15.08 16.70
N PHE B 154 1.39 -15.48 15.44
CA PHE B 154 0.61 -16.67 15.25
C PHE B 154 1.52 -17.92 15.45
N GLU B 155 1.05 -18.95 16.11
CA GLU B 155 1.85 -20.18 16.26
C GLU B 155 1.77 -20.98 14.95
N MET B 156 2.93 -21.15 14.33
CA MET B 156 2.99 -21.74 13.00
C MET B 156 3.22 -23.23 13.10
N ILE B 157 2.36 -23.99 12.50
CA ILE B 157 2.43 -25.47 12.52
C ILE B 157 2.80 -25.93 11.13
N SER B 158 3.92 -26.65 11.08
N SER B 158 3.94 -26.60 11.00
CA SER B 158 4.50 -27.14 9.85
CA SER B 158 4.41 -26.99 9.68
C SER B 158 3.77 -28.37 9.34
C SER B 158 3.95 -28.35 9.31
N VAL B 159 3.67 -28.50 8.02
CA VAL B 159 3.24 -29.77 7.41
C VAL B 159 4.10 -29.92 6.14
N PRO B 160 4.33 -31.15 5.68
CA PRO B 160 5.17 -31.31 4.43
C PRO B 160 4.52 -30.70 3.20
N MET B 161 5.29 -29.98 2.39
CA MET B 161 4.90 -29.67 1.03
C MET B 161 5.39 -30.77 0.15
N ASN B 162 4.49 -31.64 -0.29
CA ASN B 162 4.84 -32.79 -1.13
C ASN B 162 4.70 -32.42 -2.58
N GLU B 163 5.06 -33.36 -3.46
CA GLU B 163 5.05 -33.12 -4.91
C GLU B 163 3.69 -32.70 -5.46
N ASP B 164 2.61 -33.13 -4.82
CA ASP B 164 1.26 -32.80 -5.28
C ASP B 164 0.60 -31.72 -4.39
N GLY B 165 1.38 -31.19 -3.46
CA GLY B 165 0.91 -30.15 -2.59
C GLY B 165 1.09 -30.48 -1.13
N PRO B 166 0.44 -29.66 -0.27
CA PRO B 166 0.51 -29.93 1.15
C PRO B 166 -0.05 -31.32 1.55
N ASP B 167 0.58 -31.90 2.55
CA ASP B 167 0.08 -33.17 3.17
C ASP B 167 -1.35 -32.97 3.70
N MET B 168 -2.32 -33.45 2.92
CA MET B 168 -3.72 -33.15 3.22
C MET B 168 -4.26 -33.99 4.40
N ASP B 169 -3.67 -35.17 4.66
CA ASP B 169 -4.01 -35.95 5.87
C ASP B 169 -3.67 -35.14 7.13
N ALA B 170 -2.50 -34.51 7.15
CA ALA B 170 -2.10 -33.60 8.21
C ALA B 170 -2.95 -32.32 8.30
N VAL B 171 -3.18 -31.65 7.19
CA VAL B 171 -3.96 -30.40 7.17
C VAL B 171 -5.37 -30.66 7.70
N GLU B 172 -6.01 -31.69 7.13
CA GLU B 172 -7.39 -32.01 7.46
C GLU B 172 -7.58 -32.32 8.95
N GLU B 173 -6.60 -32.94 9.57
CA GLU B 173 -6.56 -33.15 11.05
C GLU B 173 -6.34 -31.85 11.82
N LEU B 174 -5.41 -31.02 11.37
CA LEU B 174 -5.07 -29.79 12.12
C LEU B 174 -6.24 -28.82 12.14
N VAL B 175 -6.96 -28.71 11.03
CA VAL B 175 -8.05 -27.74 10.86
C VAL B 175 -9.26 -28.08 11.78
N LYS B 176 -9.26 -29.28 12.37
CA LYS B 176 -10.24 -29.67 13.43
C LYS B 176 -10.05 -28.90 14.70
N ASN B 177 -8.88 -28.27 14.90
CA ASN B 177 -8.63 -27.40 16.00
C ASN B 177 -9.11 -25.97 15.60
N PRO B 178 -10.13 -25.40 16.36
CA PRO B 178 -10.59 -24.04 16.06
C PRO B 178 -9.59 -22.93 16.33
N GLN B 179 -8.47 -23.22 16.93
CA GLN B 179 -7.44 -22.23 17.02
C GLN B 179 -6.79 -21.94 15.60
N VAL B 180 -6.92 -22.87 14.69
CA VAL B 180 -6.26 -22.83 13.36
C VAL B 180 -7.08 -21.95 12.48
N LYS B 181 -6.56 -20.77 12.16
CA LYS B 181 -7.32 -19.74 11.42
C LYS B 181 -7.00 -19.67 9.89
N GLY B 182 -5.85 -20.21 9.47
CA GLY B 182 -5.56 -20.27 8.08
C GLY B 182 -4.29 -21.02 7.76
N MET B 183 -3.86 -20.83 6.51
CA MET B 183 -2.78 -21.58 5.93
C MET B 183 -2.13 -20.81 4.79
N TRP B 184 -0.84 -21.00 4.59
CA TRP B 184 -0.15 -20.46 3.42
C TRP B 184 -0.01 -21.57 2.40
N VAL B 185 -0.06 -21.22 1.14
CA VAL B 185 0.42 -22.10 0.11
C VAL B 185 0.91 -21.31 -1.10
N VAL B 186 2.01 -21.76 -1.69
CA VAL B 186 2.36 -21.32 -3.06
C VAL B 186 2.10 -22.52 -3.97
N PRO B 187 1.03 -22.50 -4.75
CA PRO B 187 0.46 -23.72 -5.32
C PRO B 187 0.96 -24.16 -6.69
N VAL B 188 1.77 -23.34 -7.37
CA VAL B 188 2.33 -23.71 -8.67
C VAL B 188 3.81 -23.34 -8.64
N PHE B 189 4.65 -24.28 -9.02
CA PHE B 189 6.11 -24.04 -8.95
C PHE B 189 6.52 -23.35 -7.62
N SER B 190 6.16 -24.04 -6.53
CA SER B 190 6.19 -23.48 -5.20
C SER B 190 7.57 -22.97 -4.76
N ASN B 191 7.56 -21.86 -4.02
CA ASN B 191 8.80 -21.35 -3.47
C ASN B 191 9.12 -22.13 -2.18
N PRO B 192 10.17 -22.94 -2.13
CA PRO B 192 11.23 -23.16 -3.12
C PRO B 192 11.23 -24.53 -3.82
N THR B 193 10.29 -25.43 -3.52
CA THR B 193 10.35 -26.84 -3.97
C THR B 193 10.05 -27.03 -5.47
N GLY B 194 9.41 -26.04 -6.08
CA GLY B 194 8.97 -26.16 -7.43
C GLY B 194 7.73 -27.06 -7.58
N PHE B 195 7.12 -27.47 -6.46
CA PHE B 195 6.03 -28.43 -6.54
C PHE B 195 4.74 -27.69 -6.83
N THR B 196 3.76 -28.46 -7.34
CA THR B 196 2.55 -27.93 -7.87
C THR B 196 1.33 -28.74 -7.28
N VAL B 197 0.38 -28.01 -6.69
CA VAL B 197 -0.88 -28.57 -6.16
C VAL B 197 -1.77 -29.15 -7.29
N THR B 198 -2.09 -30.42 -7.14
CA THR B 198 -2.91 -31.15 -8.05
C THR B 198 -4.40 -30.82 -7.82
N GLU B 199 -5.21 -31.10 -8.81
CA GLU B 199 -6.66 -30.91 -8.73
C GLU B 199 -7.24 -31.67 -7.51
N ASP B 200 -6.72 -32.87 -7.21
CA ASP B 200 -7.16 -33.74 -6.11
C ASP B 200 -6.89 -33.04 -4.77
N VAL B 201 -5.69 -32.49 -4.61
CA VAL B 201 -5.34 -31.79 -3.41
C VAL B 201 -6.14 -30.50 -3.28
N ALA B 202 -6.31 -29.80 -4.40
CA ALA B 202 -7.12 -28.58 -4.39
C ALA B 202 -8.57 -28.86 -3.93
N LYS B 203 -9.16 -29.92 -4.51
CA LYS B 203 -10.49 -30.36 -4.08
C LYS B 203 -10.58 -30.70 -2.61
N ARG B 204 -9.57 -31.35 -2.05
CA ARG B 204 -9.56 -31.65 -0.65
C ARG B 204 -9.47 -30.37 0.19
N LEU B 205 -8.65 -29.42 -0.25
CA LEU B 205 -8.61 -28.15 0.44
C LEU B 205 -9.95 -27.40 0.38
N SER B 206 -10.66 -27.52 -0.76
CA SER B 206 -11.93 -26.85 -0.91
C SER B 206 -13.06 -27.48 -0.09
N ALA B 207 -13.02 -28.80 0.15
CA ALA B 207 -14.12 -29.55 0.76
C ALA B 207 -13.88 -29.76 2.26
N MET B 208 -12.65 -29.65 2.73
CA MET B 208 -12.40 -30.00 4.11
C MET B 208 -13.25 -29.18 5.09
N GLU B 209 -13.60 -29.81 6.21
CA GLU B 209 -14.27 -29.17 7.35
C GLU B 209 -13.31 -28.56 8.34
N THR B 210 -13.49 -27.29 8.59
CA THR B 210 -12.65 -26.61 9.52
C THR B 210 -13.50 -26.27 10.74
N ALA B 211 -12.91 -26.31 11.91
CA ALA B 211 -13.60 -25.96 13.15
C ALA B 211 -13.72 -24.40 13.25
N ALA B 212 -12.73 -23.63 12.76
CA ALA B 212 -12.86 -22.15 12.73
C ALA B 212 -13.86 -21.80 11.62
N PRO B 213 -14.83 -20.91 11.93
CA PRO B 213 -15.83 -20.57 10.94
C PRO B 213 -15.29 -19.60 9.85
N ASP B 214 -14.14 -19.00 10.12
CA ASP B 214 -13.56 -17.89 9.35
C ASP B 214 -12.13 -18.20 8.83
N PHE B 215 -11.84 -19.50 8.72
CA PHE B 215 -10.58 -20.06 8.23
C PHE B 215 -10.34 -19.56 6.80
N ARG B 216 -9.09 -19.21 6.51
CA ARG B 216 -8.68 -18.83 5.15
C ARG B 216 -7.41 -19.55 4.67
N VAL B 217 -7.42 -19.94 3.41
CA VAL B 217 -6.22 -20.38 2.75
C VAL B 217 -5.74 -19.22 1.89
N VAL B 218 -4.50 -18.86 2.07
CA VAL B 218 -3.81 -17.96 1.16
C VAL B 218 -3.24 -18.79 0.05
N TRP B 219 -3.83 -18.60 -1.11
CA TRP B 219 -3.42 -19.30 -2.33
C TRP B 219 -2.57 -18.35 -3.16
N ASP B 220 -1.28 -18.33 -2.85
CA ASP B 220 -0.42 -17.29 -3.41
C ASP B 220 0.23 -17.81 -4.67
N ASN B 221 -0.49 -17.69 -5.77
CA ASN B 221 -0.03 -18.19 -7.05
C ASN B 221 0.91 -17.19 -7.77
N ALA B 222 2.02 -16.92 -7.10
CA ALA B 222 3.06 -15.97 -7.54
C ALA B 222 3.74 -16.48 -8.83
N TYR B 223 3.65 -17.80 -9.13
CA TYR B 223 4.35 -18.39 -10.28
C TYR B 223 3.37 -19.01 -11.31
N ALA B 224 2.14 -18.47 -11.34
CA ALA B 224 1.05 -18.97 -12.13
C ALA B 224 1.36 -19.26 -13.57
N VAL B 225 2.26 -18.47 -14.17
CA VAL B 225 2.60 -18.61 -15.59
C VAL B 225 4.14 -18.76 -15.84
N HIS B 226 4.87 -19.17 -14.80
CA HIS B 226 6.30 -18.87 -14.75
C HIS B 226 7.06 -20.10 -15.13
N THR B 227 6.73 -20.60 -16.33
CA THR B 227 7.33 -21.78 -16.88
C THR B 227 8.83 -21.63 -17.28
N LEU B 228 9.62 -22.70 -17.10
CA LEU B 228 10.95 -22.79 -17.56
C LEU B 228 11.07 -23.54 -18.88
N THR B 229 9.99 -24.11 -19.39
CA THR B 229 10.04 -25.01 -20.55
C THR B 229 9.17 -24.54 -21.75
N ASP B 230 8.40 -23.47 -21.57
CA ASP B 230 7.42 -22.98 -22.50
C ASP B 230 6.10 -23.77 -22.49
N GLU B 231 5.94 -24.78 -21.63
CA GLU B 231 4.65 -25.42 -21.39
C GLU B 231 4.06 -24.71 -20.16
N PHE B 232 2.86 -24.16 -20.29
CA PHE B 232 2.23 -23.44 -19.21
C PHE B 232 1.52 -24.40 -18.28
N PRO B 233 1.66 -24.19 -16.98
CA PRO B 233 0.98 -25.10 -16.09
C PRO B 233 -0.54 -24.79 -16.00
N GLU B 234 -1.27 -25.77 -15.56
CA GLU B 234 -2.71 -25.67 -15.32
C GLU B 234 -2.97 -24.57 -14.28
N VAL B 235 -4.01 -23.77 -14.53
CA VAL B 235 -4.50 -22.78 -13.54
C VAL B 235 -5.80 -23.34 -12.98
N ILE B 236 -5.70 -23.92 -11.80
CA ILE B 236 -6.90 -24.35 -11.09
C ILE B 236 -7.65 -23.12 -10.68
N ASP B 237 -8.98 -23.05 -10.98
CA ASP B 237 -9.83 -21.97 -10.52
C ASP B 237 -10.19 -22.27 -9.09
N ILE B 238 -9.34 -21.87 -8.17
CA ILE B 238 -9.44 -22.31 -6.78
C ILE B 238 -10.67 -21.66 -6.06
N VAL B 239 -10.96 -20.42 -6.40
CA VAL B 239 -12.09 -19.72 -5.83
C VAL B 239 -13.36 -20.47 -6.23
N GLY B 240 -13.44 -20.83 -7.52
CA GLY B 240 -14.60 -21.54 -8.05
C GLY B 240 -14.74 -22.92 -7.44
N LEU B 241 -13.63 -23.60 -7.16
CA LEU B 241 -13.67 -24.88 -6.42
C LEU B 241 -14.15 -24.76 -4.97
N GLY B 242 -13.75 -23.70 -4.27
CA GLY B 242 -14.32 -23.42 -2.92
C GLY B 242 -15.85 -23.18 -3.03
N GLU B 243 -16.29 -22.41 -4.01
CA GLU B 243 -17.72 -22.12 -4.27
C GLU B 243 -18.49 -23.44 -4.55
N ALA B 244 -17.97 -24.28 -5.45
CA ALA B 244 -18.58 -25.57 -5.74
C ALA B 244 -18.68 -26.48 -4.53
N ALA B 245 -17.71 -26.44 -3.63
CA ALA B 245 -17.72 -27.32 -2.49
C ALA B 245 -18.64 -26.81 -1.35
N GLY B 246 -19.23 -25.64 -1.48
CA GLY B 246 -20.02 -25.01 -0.41
C GLY B 246 -19.19 -24.24 0.59
N ASN B 247 -17.92 -23.90 0.26
CA ASN B 247 -17.10 -23.05 1.16
C ASN B 247 -16.60 -21.89 0.32
N PRO B 248 -17.52 -21.07 -0.15
CA PRO B 248 -17.09 -20.08 -1.14
C PRO B 248 -16.09 -19.04 -0.67
N ASN B 249 -16.05 -18.80 0.64
CA ASN B 249 -15.20 -17.74 1.17
C ASN B 249 -13.82 -18.24 1.59
N ARG B 250 -13.52 -19.50 1.33
CA ARG B 250 -12.34 -20.11 1.92
C ARG B 250 -11.00 -19.50 1.40
N PHE B 251 -10.98 -19.22 0.09
CA PHE B 251 -9.74 -18.86 -0.59
C PHE B 251 -9.54 -17.38 -0.81
N TRP B 252 -8.35 -16.93 -0.39
CA TRP B 252 -7.79 -15.62 -0.75
C TRP B 252 -6.65 -15.91 -1.71
N ALA B 253 -6.87 -15.66 -3.00
CA ALA B 253 -5.89 -16.06 -4.05
C ALA B 253 -5.19 -14.82 -4.55
N PHE B 254 -3.92 -14.95 -4.89
CA PHE B 254 -3.12 -13.83 -5.29
C PHE B 254 -2.25 -14.23 -6.47
N THR B 255 -1.88 -13.21 -7.22
CA THR B 255 -0.73 -13.34 -8.14
C THR B 255 -0.24 -11.90 -8.45
N SER B 256 0.76 -11.79 -9.31
CA SER B 256 1.27 -10.49 -9.64
C SER B 256 2.16 -10.55 -10.90
N THR B 257 2.61 -9.37 -11.34
CA THR B 257 3.47 -9.25 -12.50
C THR B 257 4.91 -8.90 -12.08
N SER B 258 5.24 -9.03 -10.78
CA SER B 258 6.59 -8.65 -10.37
C SER B 258 7.69 -9.37 -11.09
N LYS B 259 7.49 -10.64 -11.41
CA LYS B 259 8.50 -11.42 -12.20
C LYS B 259 8.03 -11.60 -13.65
N ILE B 260 7.18 -10.69 -14.10
CA ILE B 260 6.69 -10.72 -15.51
C ILE B 260 7.16 -9.42 -16.17
N THR B 261 6.98 -8.29 -15.46
CA THR B 261 7.35 -6.95 -16.00
C THR B 261 8.47 -6.33 -15.19
N LEU B 262 8.12 -5.66 -14.09
CA LEU B 262 9.04 -4.92 -13.26
C LEU B 262 8.86 -5.34 -11.78
N ALA B 263 9.95 -5.77 -11.15
CA ALA B 263 9.93 -6.34 -9.81
C ALA B 263 9.89 -5.23 -8.82
N GLY B 264 8.70 -5.00 -8.30
CA GLY B 264 8.38 -3.95 -7.36
C GLY B 264 7.63 -2.77 -7.93
N ALA B 265 7.38 -2.83 -9.23
CA ALA B 265 6.63 -1.75 -9.93
C ALA B 265 5.64 -2.36 -10.93
N GLY B 266 5.24 -3.59 -10.70
CA GLY B 266 4.26 -4.22 -11.45
C GLY B 266 2.83 -4.00 -10.89
N VAL B 267 1.99 -4.98 -11.15
CA VAL B 267 0.57 -4.98 -10.68
C VAL B 267 0.28 -6.26 -9.97
N SER B 268 -0.39 -6.18 -8.81
CA SER B 268 -0.83 -7.29 -8.02
C SER B 268 -2.33 -7.57 -8.24
N PHE B 269 -2.72 -8.79 -8.00
CA PHE B 269 -4.11 -9.23 -8.12
C PHE B 269 -4.55 -10.00 -6.92
N PHE B 270 -5.81 -9.75 -6.57
CA PHE B 270 -6.47 -10.47 -5.47
C PHE B 270 -7.74 -11.09 -6.06
N LEU B 271 -7.82 -12.42 -6.06
CA LEU B 271 -8.97 -13.18 -6.57
C LEU B 271 -9.66 -13.81 -5.36
N THR B 272 -10.97 -13.56 -5.19
CA THR B 272 -11.66 -14.16 -4.04
C THR B 272 -13.19 -14.04 -4.27
N SER B 273 -13.97 -14.58 -3.35
CA SER B 273 -15.46 -14.61 -3.53
C SER B 273 -16.10 -13.19 -3.48
N ALA B 274 -17.41 -13.10 -3.81
CA ALA B 274 -18.10 -11.82 -3.78
C ALA B 274 -18.14 -11.25 -2.40
N GLU B 275 -18.38 -12.11 -1.39
CA GLU B 275 -18.51 -11.63 -0.01
C GLU B 275 -17.14 -11.18 0.51
N ASN B 276 -16.11 -11.93 0.13
CA ASN B 276 -14.73 -11.54 0.52
C ASN B 276 -14.28 -10.21 -0.13
N ARG B 277 -14.59 -10.04 -1.41
CA ARG B 277 -14.25 -8.79 -2.13
C ARG B 277 -14.94 -7.61 -1.51
N LYS B 278 -16.23 -7.76 -1.19
CA LYS B 278 -16.97 -6.69 -0.53
C LYS B 278 -16.34 -6.33 0.84
N TRP B 279 -16.00 -7.34 1.63
CA TRP B 279 -15.30 -7.08 2.87
C TRP B 279 -13.99 -6.36 2.67
N TYR B 280 -13.22 -6.84 1.68
CA TYR B 280 -11.89 -6.26 1.43
C TYR B 280 -12.00 -4.81 1.00
N THR B 281 -12.88 -4.53 0.05
CA THR B 281 -12.94 -3.17 -0.47
C THR B 281 -13.58 -2.20 0.53
N GLY B 282 -14.48 -2.71 1.36
CA GLY B 282 -14.97 -1.96 2.52
C GLY B 282 -13.88 -1.39 3.39
N HIS B 283 -12.94 -2.23 3.80
CA HIS B 283 -11.76 -1.77 4.59
C HIS B 283 -10.72 -0.99 3.76
N ALA B 284 -10.48 -1.43 2.52
CA ALA B 284 -9.46 -0.76 1.68
C ALA B 284 -9.88 0.67 1.38
N GLY B 285 -11.19 0.87 1.32
CA GLY B 285 -11.76 2.18 1.10
C GLY B 285 -11.62 3.15 2.26
N ILE B 286 -11.37 2.65 3.49
CA ILE B 286 -10.97 3.49 4.62
C ILE B 286 -9.46 3.74 4.63
N ARG B 287 -8.70 2.76 4.21
CA ARG B 287 -7.25 2.91 4.10
C ARG B 287 -6.92 3.88 2.99
N GLY B 288 -7.75 3.99 1.94
CA GLY B 288 -7.53 5.07 0.99
C GLY B 288 -8.53 5.14 -0.15
N ILE B 289 -8.15 5.84 -1.20
CA ILE B 289 -9.08 6.17 -2.26
C ILE B 289 -9.00 5.11 -3.37
N GLY B 290 -7.89 4.38 -3.47
CA GLY B 290 -7.78 3.18 -4.29
C GLY B 290 -6.42 3.11 -4.98
N PRO B 291 -6.18 2.01 -5.73
CA PRO B 291 -4.87 1.73 -6.28
C PRO B 291 -4.48 2.62 -7.45
N ASN B 292 -3.24 2.47 -7.88
CA ASN B 292 -2.66 3.24 -8.98
C ASN B 292 -3.16 2.69 -10.35
N LYS B 293 -4.10 3.43 -10.95
CA LYS B 293 -4.78 3.08 -12.18
C LYS B 293 -3.92 3.35 -13.37
N VAL B 294 -2.95 4.26 -13.26
CA VAL B 294 -2.08 4.57 -14.39
C VAL B 294 -1.15 3.42 -14.69
N ASN B 295 -0.49 2.86 -13.67
CA ASN B 295 0.33 1.69 -13.86
C ASN B 295 -0.45 0.46 -14.39
N GLN B 296 -1.68 0.28 -13.93
CA GLN B 296 -2.56 -0.76 -14.44
C GLN B 296 -2.78 -0.55 -15.96
N LEU B 297 -3.00 0.69 -16.39
CA LEU B 297 -3.25 0.94 -17.82
C LEU B 297 -1.97 0.75 -18.60
N ALA B 298 -0.87 1.18 -18.06
CA ALA B 298 0.44 0.92 -18.66
C ALA B 298 0.64 -0.58 -18.92
N HIS B 299 0.31 -1.42 -17.93
CA HIS B 299 0.42 -2.86 -18.06
C HIS B 299 -0.55 -3.43 -19.09
N ALA B 300 -1.82 -2.95 -19.11
CA ALA B 300 -2.76 -3.41 -20.08
C ALA B 300 -2.31 -3.06 -21.52
N ARG B 301 -1.76 -1.85 -21.70
CA ARG B 301 -1.14 -1.45 -23.00
C ARG B 301 0.07 -2.26 -23.40
N TYR B 302 0.94 -2.55 -22.42
CA TYR B 302 2.10 -3.36 -22.68
C TYR B 302 1.74 -4.79 -23.14
N PHE B 303 0.88 -5.49 -22.41
CA PHE B 303 0.52 -6.83 -22.79
C PHE B 303 -0.49 -6.95 -23.94
N GLY B 304 -1.49 -6.06 -23.99
CA GLY B 304 -2.58 -6.14 -24.95
C GLY B 304 -3.60 -7.20 -24.59
N ASP B 305 -3.16 -8.43 -24.34
CA ASP B 305 -4.08 -9.51 -24.13
C ASP B 305 -3.30 -10.67 -23.48
N ALA B 306 -4.01 -11.76 -23.17
CA ALA B 306 -3.41 -12.94 -22.51
C ALA B 306 -2.21 -13.56 -23.26
N GLU B 307 -2.30 -13.61 -24.60
CA GLU B 307 -1.22 -14.15 -25.38
C GLU B 307 0.02 -13.26 -25.25
N GLY B 308 -0.19 -11.96 -25.18
CA GLY B 308 0.96 -11.07 -24.99
C GLY B 308 1.68 -11.39 -23.64
N VAL B 309 0.91 -11.75 -22.61
CA VAL B 309 1.53 -12.12 -21.33
C VAL B 309 2.36 -13.43 -21.55
N ARG B 310 1.74 -14.39 -22.25
N ARG B 310 1.74 -14.39 -22.25
CA ARG B 310 2.40 -15.67 -22.49
CA ARG B 310 2.40 -15.66 -22.50
C ARG B 310 3.68 -15.50 -23.33
C ARG B 310 3.68 -15.48 -23.32
N ALA B 311 3.68 -14.56 -24.29
CA ALA B 311 4.91 -14.26 -25.12
C ALA B 311 6.04 -13.73 -24.21
N VAL B 312 5.69 -12.87 -23.27
CA VAL B 312 6.68 -12.37 -22.32
C VAL B 312 7.27 -13.54 -21.51
N MET B 313 6.40 -14.36 -20.96
CA MET B 313 6.86 -15.51 -20.16
C MET B 313 7.84 -16.43 -20.94
N ARG B 314 7.61 -16.58 -22.26
CA ARG B 314 8.54 -17.36 -23.05
C ARG B 314 9.91 -16.72 -23.13
N LYS B 315 9.94 -15.38 -23.17
CA LYS B 315 11.23 -14.70 -23.13
C LYS B 315 11.93 -14.94 -21.79
N HIS B 316 11.15 -14.91 -20.70
CA HIS B 316 11.71 -15.20 -19.38
C HIS B 316 12.29 -16.61 -19.30
N ALA B 317 11.57 -17.58 -19.88
CA ALA B 317 11.98 -18.96 -19.84
C ALA B 317 13.30 -19.11 -20.56
N ALA B 318 13.47 -18.37 -21.67
CA ALA B 318 14.69 -18.50 -22.45
C ALA B 318 15.87 -17.93 -21.72
N SER B 319 15.61 -16.93 -20.91
CA SER B 319 16.67 -16.31 -20.16
C SER B 319 17.05 -17.19 -18.95
N LEU B 320 16.03 -17.74 -18.27
CA LEU B 320 16.22 -18.45 -17.02
C LEU B 320 16.62 -19.89 -17.16
N ALA B 321 16.08 -20.60 -18.18
CA ALA B 321 16.36 -22.01 -18.29
C ALA B 321 17.84 -22.38 -18.37
N PRO B 322 18.67 -21.65 -19.13
CA PRO B 322 20.07 -22.11 -19.10
C PRO B 322 20.74 -21.89 -17.74
N LYS B 323 20.24 -20.97 -16.94
CA LYS B 323 20.83 -20.73 -15.56
C LYS B 323 20.46 -21.92 -14.68
N PHE B 324 19.18 -22.34 -14.71
CA PHE B 324 18.81 -23.54 -13.98
C PHE B 324 19.59 -24.78 -14.46
N ASN B 325 19.68 -24.94 -15.77
CA ASN B 325 20.38 -26.07 -16.33
C ASN B 325 21.82 -26.12 -15.83
N LYS B 326 22.47 -24.95 -15.78
CA LYS B 326 23.90 -24.90 -15.35
C LYS B 326 24.00 -25.31 -13.89
N VAL B 327 23.08 -24.82 -13.05
CA VAL B 327 23.12 -25.20 -11.64
C VAL B 327 22.97 -26.75 -11.50
N LEU B 328 22.01 -27.28 -12.19
CA LEU B 328 21.77 -28.74 -12.19
C LEU B 328 22.98 -29.51 -12.72
N GLU B 329 23.59 -29.06 -13.81
CA GLU B 329 24.79 -29.76 -14.32
C GLU B 329 25.89 -29.80 -13.26
N ILE B 330 26.11 -28.69 -12.55
CA ILE B 330 27.11 -28.66 -11.51
C ILE B 330 26.80 -29.56 -10.32
N LEU B 331 25.56 -29.50 -9.88
CA LEU B 331 25.13 -30.44 -8.83
C LEU B 331 25.35 -31.92 -9.27
N ASP B 332 24.97 -32.26 -10.51
CA ASP B 332 25.16 -33.61 -11.01
C ASP B 332 26.69 -34.03 -11.02
N SER B 333 27.53 -33.20 -11.62
CA SER B 333 28.88 -33.63 -11.82
C SER B 333 29.73 -33.61 -10.54
N ARG B 334 29.46 -32.68 -9.63
CA ARG B 334 30.19 -32.60 -8.31
C ARG B 334 29.62 -33.52 -7.23
N LEU B 335 28.27 -33.62 -7.11
CA LEU B 335 27.64 -34.26 -5.97
C LEU B 335 26.99 -35.62 -6.18
N ALA B 336 26.47 -35.87 -7.38
CA ALA B 336 25.63 -37.06 -7.60
C ALA B 336 26.27 -38.38 -7.13
N GLU B 337 27.53 -38.60 -7.49
CA GLU B 337 28.22 -39.84 -7.21
C GLU B 337 28.42 -40.10 -5.70
N TYR B 338 28.36 -39.07 -4.85
CA TYR B 338 28.71 -39.17 -3.48
C TYR B 338 27.52 -39.43 -2.57
N GLY B 339 26.28 -39.31 -3.06
CA GLY B 339 25.11 -39.64 -2.24
C GLY B 339 25.00 -38.76 -0.99
N VAL B 340 25.36 -37.48 -1.11
CA VAL B 340 25.33 -36.57 0.01
C VAL B 340 24.15 -35.59 -0.09
N ALA B 341 23.56 -35.45 -1.29
CA ALA B 341 22.53 -34.40 -1.49
C ALA B 341 21.41 -34.83 -2.40
N GLN B 342 20.23 -34.21 -2.26
CA GLN B 342 19.13 -34.33 -3.15
C GLN B 342 18.64 -32.95 -3.51
N TRP B 343 18.14 -32.77 -4.70
CA TRP B 343 17.66 -31.45 -5.06
C TRP B 343 16.45 -31.55 -5.99
N THR B 344 15.65 -30.49 -6.03
CA THR B 344 14.53 -30.42 -6.88
C THR B 344 14.98 -30.12 -8.32
N VAL B 345 14.16 -30.50 -9.26
CA VAL B 345 14.42 -30.27 -10.71
C VAL B 345 13.09 -29.61 -11.18
N PRO B 346 13.02 -28.28 -11.07
CA PRO B 346 11.73 -27.65 -11.25
C PRO B 346 11.37 -27.43 -12.73
N ALA B 347 10.08 -27.49 -13.05
CA ALA B 347 9.61 -27.15 -14.42
C ALA B 347 9.31 -25.67 -14.53
N GLY B 348 9.48 -24.95 -13.43
CA GLY B 348 9.06 -23.52 -13.44
C GLY B 348 9.43 -22.90 -12.12
N GLY B 349 9.13 -21.62 -11.93
CA GLY B 349 9.46 -20.93 -10.67
C GLY B 349 10.85 -20.38 -10.65
N TYR B 350 11.28 -20.00 -9.44
CA TYR B 350 12.51 -19.22 -9.30
C TYR B 350 13.62 -19.87 -8.48
N PHE B 351 13.43 -21.12 -8.05
CA PHE B 351 14.34 -21.69 -7.07
C PHE B 351 14.59 -23.16 -7.29
N ILE B 352 15.77 -23.61 -6.78
CA ILE B 352 16.06 -25.04 -6.58
C ILE B 352 16.15 -25.27 -5.06
N SER B 353 15.51 -26.34 -4.54
CA SER B 353 15.56 -26.67 -3.16
C SER B 353 16.59 -27.82 -2.98
N LEU B 354 17.59 -27.58 -2.16
CA LEU B 354 18.73 -28.52 -1.99
C LEU B 354 18.76 -29.04 -0.60
N ASP B 355 18.77 -30.37 -0.45
CA ASP B 355 18.87 -31.03 0.85
C ASP B 355 20.23 -31.74 0.94
N VAL B 356 21.01 -31.35 1.92
CA VAL B 356 22.37 -31.90 2.17
C VAL B 356 22.33 -32.89 3.32
N VAL B 357 23.49 -33.33 3.79
CA VAL B 357 23.50 -34.29 4.88
C VAL B 357 22.82 -33.70 6.16
N PRO B 358 21.84 -34.41 6.70
CA PRO B 358 21.18 -33.84 7.89
C PRO B 358 22.19 -33.46 9.01
N GLY B 359 22.03 -32.25 9.52
CA GLY B 359 22.95 -31.75 10.51
C GLY B 359 24.01 -30.86 9.98
N THR B 360 24.04 -30.65 8.64
CA THR B 360 25.10 -29.94 8.04
C THR B 360 24.75 -28.66 7.24
N ALA B 361 23.47 -28.33 7.05
CA ALA B 361 23.14 -27.20 6.22
C ALA B 361 23.72 -25.86 6.73
N SER B 362 23.61 -25.62 8.03
N SER B 362 23.61 -25.62 8.03
CA SER B 362 24.17 -24.43 8.62
CA SER B 362 24.16 -24.42 8.61
C SER B 362 25.70 -24.37 8.36
C SER B 362 25.70 -24.37 8.46
N ARG B 363 26.39 -25.50 8.50
CA ARG B 363 27.84 -25.56 8.21
C ARG B 363 28.15 -25.24 6.73
N VAL B 364 27.36 -25.80 5.80
CA VAL B 364 27.55 -25.48 4.39
C VAL B 364 27.41 -23.95 4.12
N ALA B 365 26.38 -23.33 4.66
CA ALA B 365 26.19 -21.91 4.54
C ALA B 365 27.32 -21.09 5.18
N GLU B 366 27.85 -21.55 6.32
CA GLU B 366 29.00 -20.85 6.98
C GLU B 366 30.26 -20.98 6.12
N LEU B 367 30.57 -22.21 5.65
CA LEU B 367 31.68 -22.43 4.71
C LEU B 367 31.56 -21.57 3.48
N ALA B 368 30.36 -21.55 2.87
CA ALA B 368 30.15 -20.76 1.68
C ALA B 368 30.46 -19.26 1.94
N LYS B 369 29.94 -18.76 3.05
CA LYS B 369 30.13 -17.34 3.42
C LYS B 369 31.65 -17.03 3.62
N GLU B 370 32.41 -17.95 4.23
CA GLU B 370 33.86 -17.80 4.36
C GLU B 370 34.54 -17.69 3.01
N ALA B 371 34.02 -18.41 2.01
CA ALA B 371 34.48 -18.39 0.65
C ALA B 371 33.89 -17.27 -0.23
N GLY B 372 33.10 -16.38 0.34
CA GLY B 372 32.62 -15.22 -0.39
C GLY B 372 31.38 -15.54 -1.22
N ILE B 373 30.66 -16.60 -0.88
CA ILE B 373 29.44 -16.98 -1.60
C ILE B 373 28.22 -16.91 -0.66
N ALA B 374 27.33 -15.97 -0.89
CA ALA B 374 26.17 -15.78 0.02
C ALA B 374 25.10 -16.78 -0.36
N LEU B 375 24.71 -17.59 0.59
CA LEU B 375 23.58 -18.52 0.47
C LEU B 375 22.56 -18.12 1.47
N THR B 376 21.30 -18.49 1.23
CA THR B 376 20.27 -18.19 2.19
C THR B 376 20.61 -19.04 3.42
N GLY B 377 20.42 -18.52 4.62
CA GLY B 377 20.72 -19.33 5.79
C GLY B 377 19.93 -20.61 5.93
N ALA B 378 20.49 -21.52 6.72
CA ALA B 378 19.83 -22.77 7.11
C ALA B 378 18.52 -22.45 7.79
N GLY B 379 17.48 -23.15 7.42
CA GLY B 379 16.18 -22.90 8.01
C GLY B 379 15.37 -21.77 7.37
N SER B 380 15.89 -21.06 6.34
CA SER B 380 15.14 -19.92 5.83
C SER B 380 13.80 -20.27 5.20
N SER B 381 13.58 -21.50 4.71
CA SER B 381 12.29 -21.86 4.15
C SER B 381 11.35 -22.49 5.19
N TYR B 382 11.61 -22.26 6.48
CA TYR B 382 10.82 -22.87 7.57
C TYR B 382 10.37 -21.77 8.51
N PRO B 383 9.22 -21.97 9.15
CA PRO B 383 8.75 -21.01 10.17
C PRO B 383 9.77 -20.83 11.27
N LEU B 384 10.00 -19.58 11.66
CA LEU B 384 10.99 -19.19 12.68
C LEU B 384 12.38 -19.61 12.33
N ARG B 385 12.64 -19.89 11.04
CA ARG B 385 13.93 -20.38 10.56
C ARG B 385 14.36 -21.69 11.22
N GLN B 386 13.41 -22.54 11.53
CA GLN B 386 13.64 -23.81 12.27
C GLN B 386 13.40 -25.00 11.32
N ASP B 387 14.49 -25.50 10.72
CA ASP B 387 14.48 -26.71 9.96
C ASP B 387 14.93 -27.78 10.97
N PRO B 388 14.03 -28.66 11.38
CA PRO B 388 14.44 -29.66 12.45
C PRO B 388 15.53 -30.63 12.04
N GLU B 389 15.75 -30.80 10.75
CA GLU B 389 16.83 -31.66 10.26
C GLU B 389 18.13 -30.95 9.85
N ASN B 390 18.10 -29.62 9.85
CA ASN B 390 19.24 -28.83 9.48
C ASN B 390 19.89 -29.38 8.18
N LYS B 391 19.05 -29.52 7.14
CA LYS B 391 19.44 -30.09 5.85
C LYS B 391 19.10 -29.25 4.62
N ASN B 392 18.11 -28.37 4.71
CA ASN B 392 17.66 -27.63 3.53
C ASN B 392 18.35 -26.27 3.27
N LEU B 393 18.72 -26.04 1.99
CA LEU B 393 19.16 -24.77 1.53
C LEU B 393 18.40 -24.41 0.22
N ARG B 394 18.15 -23.14 -0.01
CA ARG B 394 17.45 -22.71 -1.19
C ARG B 394 18.52 -22.07 -2.09
N LEU B 395 18.49 -22.39 -3.38
CA LEU B 395 19.35 -21.77 -4.38
C LEU B 395 18.51 -20.91 -5.35
N ALA B 396 18.96 -19.69 -5.62
CA ALA B 396 18.23 -18.70 -6.46
C ALA B 396 19.09 -18.39 -7.71
N PRO B 397 18.85 -19.07 -8.84
CA PRO B 397 19.69 -18.92 -10.02
C PRO B 397 19.42 -17.68 -10.90
N SER B 398 18.35 -16.94 -10.64
CA SER B 398 17.85 -15.97 -11.63
C SER B 398 18.73 -14.75 -11.89
N LEU B 399 19.29 -14.14 -10.83
CA LEU B 399 19.96 -12.88 -10.98
C LEU B 399 21.34 -12.98 -11.69
N PRO B 400 22.26 -13.84 -11.22
CA PRO B 400 23.63 -13.81 -11.80
C PRO B 400 23.70 -14.32 -13.25
N PRO B 401 24.72 -13.89 -14.01
CA PRO B 401 24.98 -14.49 -15.28
C PRO B 401 25.47 -15.94 -15.10
N VAL B 402 25.32 -16.78 -16.12
CA VAL B 402 25.67 -18.19 -16.04
C VAL B 402 27.12 -18.42 -15.60
N GLU B 403 28.04 -17.55 -16.03
CA GLU B 403 29.49 -17.63 -15.60
C GLU B 403 29.68 -17.50 -14.12
N GLU B 404 28.90 -16.60 -13.49
CA GLU B 404 28.97 -16.44 -12.02
C GLU B 404 28.32 -17.63 -11.38
N LEU B 405 27.21 -18.06 -11.96
CA LEU B 405 26.58 -19.32 -11.42
C LEU B 405 27.53 -20.48 -11.39
N GLU B 406 28.30 -20.64 -12.46
CA GLU B 406 29.25 -21.73 -12.53
C GLU B 406 30.26 -21.74 -11.40
N VAL B 407 30.86 -20.59 -11.20
CA VAL B 407 31.86 -20.40 -10.16
C VAL B 407 31.22 -20.58 -8.74
N ALA B 408 30.07 -19.94 -8.54
CA ALA B 408 29.38 -19.97 -7.28
C ALA B 408 28.96 -21.40 -6.93
N MET B 409 28.36 -22.11 -7.89
CA MET B 409 27.87 -23.49 -7.62
C MET B 409 28.98 -24.52 -7.45
N ASP B 410 30.08 -24.38 -8.19
CA ASP B 410 31.21 -25.23 -7.95
C ASP B 410 31.69 -25.10 -6.50
N GLY B 411 31.77 -23.84 -6.02
CA GLY B 411 32.09 -23.51 -4.66
C GLY B 411 31.12 -24.11 -3.66
N VAL B 412 29.81 -23.90 -3.89
CA VAL B 412 28.80 -24.48 -3.02
C VAL B 412 28.96 -26.01 -2.89
N ALA B 413 29.24 -26.67 -3.99
CA ALA B 413 29.45 -28.11 -3.98
C ALA B 413 30.66 -28.56 -3.16
N THR B 414 31.75 -27.80 -3.27
CA THR B 414 32.92 -28.05 -2.43
C THR B 414 32.54 -27.88 -0.97
N CYS B 415 31.75 -26.84 -0.66
CA CYS B 415 31.23 -26.64 0.73
C CYS B 415 30.34 -27.81 1.25
N VAL B 416 29.45 -28.29 0.41
CA VAL B 416 28.59 -29.46 0.71
C VAL B 416 29.45 -30.66 1.08
N LEU B 417 30.45 -30.91 0.24
CA LEU B 417 31.35 -32.08 0.41
C LEU B 417 32.27 -31.98 1.62
N LEU B 418 32.80 -30.78 1.91
CA LEU B 418 33.61 -30.56 3.13
C LEU B 418 32.77 -30.73 4.38
N ALA B 419 31.56 -30.17 4.38
CA ALA B 419 30.68 -30.31 5.51
C ALA B 419 30.34 -31.78 5.73
N ALA B 420 30.03 -32.47 4.65
CA ALA B 420 29.72 -33.89 4.75
C ALA B 420 30.96 -34.70 5.22
N ALA B 421 32.13 -34.38 4.70
CA ALA B 421 33.36 -35.08 5.11
C ALA B 421 33.64 -34.85 6.61
N GLU B 422 33.48 -33.63 7.09
CA GLU B 422 33.62 -33.33 8.54
C GLU B 422 32.63 -34.15 9.36
N HIS B 423 31.39 -34.24 8.88
CA HIS B 423 30.34 -34.91 9.59
C HIS B 423 30.66 -36.39 9.69
N TYR B 424 31.08 -37.00 8.59
CA TYR B 424 31.37 -38.47 8.63
C TYR B 424 32.66 -38.79 9.38
N ALA B 425 33.66 -37.93 9.21
CA ALA B 425 34.93 -38.12 9.91
C ALA B 425 34.74 -37.92 11.39
N ASN B 426 33.86 -37.00 11.83
CA ASN B 426 33.64 -36.78 13.29
C ASN B 426 32.88 -37.92 14.00
N LEU B 427 32.21 -38.79 13.25
CA LEU B 427 31.61 -40.02 13.79
C LEU B 427 32.66 -41.08 14.16
N1 PLP C . -4.87 14.61 3.00
C2 PLP C . -5.77 15.64 2.79
C2A PLP C . -5.94 16.75 3.79
C3 PLP C . -6.67 15.73 1.61
O3 PLP C . -7.60 16.78 1.42
C4 PLP C . -6.52 14.61 0.63
C4A PLP C . -7.41 14.62 -0.60
O4A PLP C . -8.27 15.49 -0.77
C5 PLP C . -5.50 13.55 0.98
C6 PLP C . -4.72 13.59 2.18
C5A PLP C . -5.29 12.39 0.05
O4P PLP C . -3.91 12.30 -0.22
P PLP C . -3.45 10.97 -1.06
O1P PLP C . -4.16 11.02 -2.43
O2P PLP C . -1.88 11.04 -1.10
O3P PLP C . -3.97 9.78 -0.24
C1 GOL D . 4.82 17.53 5.98
O1 GOL D . 4.84 17.03 4.63
C2 GOL D . 5.88 18.65 6.06
O2 GOL D . 5.20 19.88 6.11
C3 GOL D . 6.84 18.50 7.25
O3 GOL D . 7.36 19.73 7.78
C1 GOL E . 16.20 15.34 10.72
O1 GOL E . 15.25 16.39 11.08
C2 GOL E . 15.60 13.94 10.90
O2 GOL E . 14.41 14.06 11.64
C3 GOL E . 16.40 12.97 11.77
O3 GOL E . 17.44 12.29 11.13
C1 GOL F . -5.56 37.32 0.55
O1 GOL F . -4.27 36.93 0.92
C2 GOL F . -6.26 37.05 1.87
O2 GOL F . -6.97 38.22 2.20
C3 GOL F . -7.04 35.73 1.84
O3 GOL F . -8.17 35.83 2.73
C1 GOL G . 15.69 7.83 5.22
O1 GOL G . 14.71 8.90 5.27
C2 GOL G . 16.66 7.85 6.40
O2 GOL G . 17.99 8.29 5.97
C3 GOL G . 16.68 6.41 6.98
O3 GOL G . 15.55 6.13 7.82
C1 GOL H . -24.18 15.33 -11.42
O1 GOL H . -23.57 16.41 -12.19
C2 GOL H . -24.64 15.71 -10.00
O2 GOL H . -24.18 14.67 -9.12
C3 GOL H . -26.17 15.79 -9.81
O3 GOL H . -26.66 17.02 -9.22
N1 PLP I . 4.73 -14.57 -3.29
C2 PLP I . 5.73 -15.48 -3.50
C2A PLP I . 5.50 -16.90 -3.14
C3 PLP I . 7.07 -15.12 -4.01
O3 PLP I . 8.13 -16.01 -4.18
C4 PLP I . 7.14 -13.63 -4.25
C4A PLP I . 8.32 -13.02 -4.88
O4A PLP I . 8.98 -13.81 -5.54
C5 PLP I . 5.94 -12.77 -3.99
C6 PLP I . 4.74 -13.29 -3.48
C5A PLP I . 6.18 -11.33 -4.33
O4P PLP I . 4.97 -10.72 -4.35
P PLP I . 5.03 -9.15 -4.75
O1P PLP I . 6.33 -8.72 -5.48
O2P PLP I . 3.74 -9.08 -5.68
O3P PLP I . 4.96 -8.68 -3.31
CAC FLC J . 10.75 -13.13 -3.49
CA FLC J . 11.92 -12.60 -4.31
CB FLC J . 12.83 -11.84 -3.35
CBC FLC J . 13.38 -12.90 -2.40
CG FLC J . 13.98 -11.12 -3.97
CGC FLC J . 14.54 -10.13 -2.94
OA1 FLC J . 10.50 -12.77 -2.28
OA2 FLC J . 10.05 -13.98 -4.09
OB1 FLC J . 12.94 -12.78 -1.23
OB2 FLC J . 14.15 -13.82 -2.84
OG1 FLC J . 15.02 -10.53 -1.85
OG2 FLC J . 14.43 -8.94 -3.14
OHB FLC J . 12.05 -10.82 -2.66
C1 GOL K . -1.14 -15.45 19.88
O1 GOL K . -1.35 -16.61 19.04
C2 GOL K . -2.11 -14.31 19.56
O2 GOL K . -3.42 -14.86 19.50
C3 GOL K . -1.81 -13.66 18.22
O3 GOL K . -1.10 -12.43 18.40
C1 GOL L . 19.63 -15.52 -22.89
O1 GOL L . 19.87 -16.93 -22.76
C2 GOL L . 18.36 -15.27 -23.69
O2 GOL L . 17.65 -14.10 -23.20
C3 GOL L . 18.79 -15.08 -25.14
O3 GOL L . 17.68 -15.41 -25.96
C1 GOL M . -19.40 -17.41 12.17
O1 GOL M . -19.32 -17.33 10.74
C2 GOL M . -20.24 -18.61 12.60
O2 GOL M . -21.58 -18.11 12.59
C3 GOL M . -20.16 -19.13 14.05
O3 GOL M . -18.96 -19.68 14.63
C1 GOL N . 5.89 -29.21 -10.80
O1 GOL N . 5.04 -28.36 -11.57
C2 GOL N . 7.31 -29.30 -11.41
O2 GOL N . 8.10 -28.14 -11.05
C3 GOL N . 7.97 -30.61 -10.89
O3 GOL N . 7.88 -30.69 -9.41
C1 GOL O . 13.63 -26.82 -16.69
O1 GOL O . 13.70 -27.24 -18.06
C2 GOL O . 15.08 -26.68 -16.28
O2 GOL O . 15.54 -25.40 -16.85
C3 GOL O . 15.34 -26.76 -14.79
O3 GOL O . 14.71 -27.88 -14.21
#